data_4ZCD
#
_entry.id   4ZCD
#
_cell.length_a   144.700
_cell.length_b   37.600
_cell.length_c   138.200
_cell.angle_alpha   90.00
_cell.angle_beta   120.00
_cell.angle_gamma   90.00
#
_symmetry.space_group_name_H-M   'C 1 2 1'
#
loop_
_entity.id
_entity.type
_entity.pdbx_description
1 polymer Renalase
2 non-polymer 'FLAVIN-ADENINE DINUCLEOTIDE'
3 non-polymer NICOTINAMIDE-ADENINE-DINUCLEOTIDE
4 non-polymer 'FORMIC ACID'
5 water water
#
_entity_poly.entity_id   1
_entity_poly.type   'polypeptide(L)'
_entity_poly.pdbx_seq_one_letter_code
;MTVPIAIIGTGIAGLSAAQALTSAGHQVHLFDKSRGSGGRMSSKRSDAGSLDMGAQYFTARDRRFATAVKQWQAQGHVSE
WTPLLYNFHGGRLSPSPDEQVRWVGEPGMSAITRAMRGDLPVSFSCRITDVFRGEQHWNLLDAESENHGPFSHVIIATPA
PQATALLAAAPKLASVVAGVKMDPTWAVALAFETPLQTPMQGCFVQDSPLDWLARNRSKPGRDDTLDSWVLHATSQWSRQ
NLDASREQVIEHLHGAFAELIDCAMPAPVFSLAHRWLYARPAGSHEWGALSDADLGIYVCGDWCLSGRVEGAWLSGQEAA
RRLLEHLQLEHHHHHH
;
_entity_poly.pdbx_strand_id   A,B
#
# COMPACT_ATOMS: atom_id res chain seq x y z
N VAL A 3 25.11 6.70 6.74
CA VAL A 3 23.70 6.68 6.36
C VAL A 3 23.43 5.45 5.49
N PRO A 4 22.66 4.47 5.99
CA PRO A 4 22.57 3.21 5.25
C PRO A 4 21.60 3.20 4.08
N ILE A 5 21.66 2.11 3.33
CA ILE A 5 20.75 1.84 2.22
C ILE A 5 19.57 1.05 2.74
N ALA A 6 18.34 1.50 2.47
CA ALA A 6 17.14 0.73 2.85
C ALA A 6 16.79 -0.28 1.80
N ILE A 7 16.44 -1.49 2.24
CA ILE A 7 15.95 -2.56 1.36
C ILE A 7 14.60 -3.01 1.89
N ILE A 8 13.57 -2.90 1.05
CA ILE A 8 12.20 -3.25 1.44
C ILE A 8 11.89 -4.59 0.81
N GLY A 9 11.80 -5.60 1.65
CA GLY A 9 11.55 -6.96 1.19
C GLY A 9 12.74 -7.85 1.47
N THR A 10 12.48 -8.94 2.21
CA THR A 10 13.56 -9.85 2.58
C THR A 10 13.35 -11.25 1.97
N GLY A 11 12.81 -11.29 0.76
CA GLY A 11 12.93 -12.47 -0.07
C GLY A 11 14.31 -12.55 -0.68
N ILE A 12 14.51 -13.50 -1.60
CA ILE A 12 15.84 -13.70 -2.12
C ILE A 12 16.31 -12.49 -2.95
N ALA A 13 15.41 -11.74 -3.57
CA ALA A 13 15.86 -10.55 -4.32
C ALA A 13 16.44 -9.48 -3.40
N GLY A 14 15.72 -9.15 -2.34
CA GLY A 14 16.19 -8.14 -1.42
C GLY A 14 17.46 -8.54 -0.72
N LEU A 15 17.53 -9.81 -0.35
CA LEU A 15 18.68 -10.29 0.36
C LEU A 15 19.89 -10.46 -0.55
N SER A 16 19.64 -10.74 -1.83
CA SER A 16 20.69 -10.82 -2.80
C SER A 16 21.31 -9.44 -2.98
N ALA A 17 20.46 -8.42 -3.09
CA ALA A 17 20.94 -7.04 -3.16
C ALA A 17 21.72 -6.74 -1.88
N ALA A 18 21.20 -7.14 -0.75
CA ALA A 18 21.87 -6.86 0.52
C ALA A 18 23.25 -7.48 0.56
N GLN A 19 23.36 -8.74 0.12
CA GLN A 19 24.65 -9.41 0.09
C GLN A 19 25.64 -8.65 -0.77
N ALA A 20 25.24 -8.26 -1.98
CA ALA A 20 26.17 -7.58 -2.86
C ALA A 20 26.59 -6.25 -2.26
N LEU A 21 25.65 -5.53 -1.66
CA LEU A 21 26.01 -4.22 -1.11
C LEU A 21 26.92 -4.33 0.10
N THR A 22 26.64 -5.27 0.99
CA THR A 22 27.47 -5.42 2.18
C THR A 22 28.83 -6.03 1.83
N SER A 23 28.89 -6.88 0.81
CA SER A 23 30.20 -7.41 0.35
C SER A 23 31.08 -6.27 -0.12
N ALA A 24 30.44 -5.21 -0.61
CA ALA A 24 31.17 -4.06 -1.08
C ALA A 24 31.37 -3.02 0.04
N GLY A 25 30.98 -3.37 1.27
CA GLY A 25 31.29 -2.55 2.42
C GLY A 25 30.25 -1.49 2.74
N HIS A 26 29.02 -1.66 2.23
CA HIS A 26 27.97 -0.69 2.48
C HIS A 26 26.97 -1.22 3.45
N GLN A 27 26.57 -0.35 4.36
CA GLN A 27 25.58 -0.71 5.36
C GLN A 27 24.17 -0.66 4.81
N VAL A 28 23.34 -1.58 5.29
CA VAL A 28 21.94 -1.66 4.90
C VAL A 28 21.04 -1.75 6.10
N HIS A 29 19.76 -1.48 5.88
CA HIS A 29 18.75 -1.82 6.83
C HIS A 29 17.60 -2.47 6.09
N LEU A 30 17.23 -3.67 6.52
CA LEU A 30 16.18 -4.46 5.89
C LEU A 30 14.81 -4.21 6.51
N PHE A 31 13.76 -4.26 5.69
CA PHE A 31 12.39 -4.13 6.17
C PHE A 31 11.53 -5.23 5.62
N ASP A 32 10.67 -5.78 6.47
CA ASP A 32 9.65 -6.70 5.96
C ASP A 32 8.38 -6.59 6.78
N LYS A 33 7.24 -6.66 6.11
CA LYS A 33 5.97 -6.65 6.81
C LYS A 33 5.70 -7.95 7.57
N SER A 34 6.38 -9.02 7.18
N SER A 34 6.40 -9.01 7.17
CA SER A 34 6.20 -10.33 7.82
CA SER A 34 6.27 -10.35 7.78
C SER A 34 7.06 -10.45 9.06
C SER A 34 7.02 -10.42 9.10
N ARG A 35 6.78 -11.48 9.86
CA ARG A 35 7.54 -11.69 11.09
C ARG A 35 8.93 -12.24 10.84
N GLY A 36 9.14 -12.81 9.67
CA GLY A 36 10.43 -13.35 9.29
C GLY A 36 10.75 -13.12 7.82
N SER A 37 11.91 -13.59 7.41
CA SER A 37 12.39 -13.38 6.05
C SER A 37 12.08 -14.59 5.17
N GLY A 38 12.38 -14.45 3.89
CA GLY A 38 12.25 -15.56 2.95
C GLY A 38 11.21 -15.38 1.87
N GLY A 39 10.15 -14.64 2.19
CA GLY A 39 9.11 -14.37 1.21
C GLY A 39 8.52 -15.65 0.68
N ARG A 40 8.50 -15.77 -0.65
CA ARG A 40 7.94 -16.91 -1.32
C ARG A 40 8.80 -18.17 -1.23
N MET A 41 9.98 -18.08 -0.64
CA MET A 41 10.82 -19.26 -0.36
C MET A 41 10.66 -19.74 1.06
N SER A 42 9.82 -19.05 1.83
CA SER A 42 9.76 -19.32 3.25
C SER A 42 9.28 -20.76 3.44
N SER A 43 9.66 -21.34 4.56
CA SER A 43 9.20 -22.64 5.00
C SER A 43 8.22 -22.43 6.13
N LYS A 44 7.25 -23.33 6.22
CA LYS A 44 6.21 -23.28 7.24
C LYS A 44 6.55 -24.36 8.25
N ARG A 45 6.60 -24.00 9.52
CA ARG A 45 6.84 -25.01 10.54
C ARG A 45 5.54 -25.74 10.73
N SER A 46 5.64 -27.05 10.90
CA SER A 46 4.45 -27.88 11.10
C SER A 46 4.69 -29.18 11.86
N ASP A 47 3.61 -29.88 12.15
CA ASP A 47 3.68 -31.17 12.83
C ASP A 47 4.49 -32.23 12.08
N ALA A 48 4.75 -31.99 10.80
CA ALA A 48 5.50 -32.94 9.98
C ALA A 48 6.90 -32.40 9.63
N GLY A 49 7.32 -31.33 10.30
CA GLY A 49 8.61 -30.74 10.03
C GLY A 49 8.41 -29.49 9.21
N SER A 50 9.52 -28.91 8.74
CA SER A 50 9.46 -27.69 7.93
C SER A 50 8.87 -28.04 6.57
N LEU A 51 7.88 -27.28 6.13
CA LEU A 51 7.24 -27.54 4.88
C LEU A 51 7.56 -26.38 3.97
N ASP A 52 7.98 -26.73 2.79
CA ASP A 52 8.14 -25.75 1.77
C ASP A 52 6.84 -25.58 1.04
N MET A 53 6.01 -24.63 1.43
N MET A 53 6.02 -24.62 1.49
CA MET A 53 4.71 -24.45 0.77
CA MET A 53 4.71 -24.34 0.91
C MET A 53 4.77 -23.42 -0.36
C MET A 53 4.80 -23.47 -0.34
N GLY A 54 5.92 -22.76 -0.49
CA GLY A 54 6.13 -21.86 -1.60
C GLY A 54 7.01 -22.52 -2.64
N ALA A 55 8.13 -21.90 -2.98
CA ALA A 55 9.05 -22.53 -3.93
C ALA A 55 9.45 -23.91 -3.44
N GLN A 56 9.37 -24.86 -4.38
CA GLN A 56 9.59 -26.26 -4.05
C GLN A 56 10.99 -26.80 -4.25
N TYR A 57 11.63 -26.27 -5.28
CA TYR A 57 12.98 -26.62 -5.69
C TYR A 57 13.43 -25.51 -6.63
N PHE A 58 14.70 -25.49 -6.99
CA PHE A 58 15.06 -24.56 -8.03
C PHE A 58 16.21 -25.11 -8.86
N THR A 59 16.34 -24.56 -10.06
CA THR A 59 17.41 -24.96 -10.93
C THR A 59 18.41 -23.82 -10.93
N ALA A 60 19.68 -24.11 -11.25
CA ALA A 60 20.72 -23.11 -11.24
C ALA A 60 21.43 -23.32 -12.54
N ARG A 61 21.21 -22.41 -13.47
CA ARG A 61 21.76 -22.51 -14.82
C ARG A 61 22.84 -21.46 -15.08
N ASP A 62 22.55 -20.25 -14.64
CA ASP A 62 23.47 -19.10 -14.73
C ASP A 62 24.70 -19.38 -13.92
N ARG A 63 25.86 -19.15 -14.51
CA ARG A 63 27.11 -19.50 -13.88
C ARG A 63 27.33 -18.79 -12.55
N ARG A 64 26.91 -17.52 -12.46
CA ARG A 64 27.09 -16.76 -11.21
C ARG A 64 26.20 -17.30 -10.09
N PHE A 65 24.96 -17.60 -10.45
CA PHE A 65 24.01 -18.16 -9.50
C PHE A 65 24.44 -19.57 -9.09
N ALA A 66 24.92 -20.34 -10.05
CA ALA A 66 25.40 -21.68 -9.76
C ALA A 66 26.53 -21.67 -8.73
N THR A 67 27.43 -20.68 -8.81
CA THR A 67 28.51 -20.57 -7.83
C THR A 67 27.95 -20.24 -6.46
N ALA A 68 26.98 -19.34 -6.45
CA ALA A 68 26.32 -18.96 -5.22
C ALA A 68 25.68 -20.19 -4.63
N VAL A 69 25.01 -20.99 -5.45
CA VAL A 69 24.35 -22.22 -4.96
C VAL A 69 25.42 -23.17 -4.38
N LYS A 70 26.57 -23.28 -5.04
CA LYS A 70 27.65 -24.13 -4.52
C LYS A 70 28.21 -23.62 -3.18
N GLN A 71 28.24 -22.30 -3.01
CA GLN A 71 28.61 -21.72 -1.73
C GLN A 71 27.60 -22.12 -0.67
N TRP A 72 26.30 -21.99 -0.99
CA TRP A 72 25.28 -22.35 -0.04
C TRP A 72 25.39 -23.82 0.33
N GLN A 73 25.73 -24.64 -0.65
CA GLN A 73 25.85 -26.07 -0.43
C GLN A 73 27.01 -26.33 0.55
N ALA A 74 28.09 -25.62 0.32
CA ALA A 74 29.26 -25.74 1.19
C ALA A 74 28.92 -25.36 2.63
N GLN A 75 27.94 -24.47 2.79
CA GLN A 75 27.53 -23.98 4.12
C GLN A 75 26.43 -24.86 4.73
N GLY A 76 26.05 -25.89 4.02
CA GLY A 76 25.08 -26.84 4.50
C GLY A 76 23.65 -26.35 4.36
N HIS A 77 23.44 -25.35 3.51
CA HIS A 77 22.10 -24.75 3.39
C HIS A 77 21.31 -25.20 2.15
N VAL A 78 21.97 -25.93 1.26
CA VAL A 78 21.29 -26.45 0.07
C VAL A 78 21.91 -27.77 -0.33
N SER A 79 21.11 -28.63 -0.94
CA SER A 79 21.58 -29.89 -1.46
C SER A 79 20.79 -30.24 -2.69
N GLU A 80 21.32 -31.16 -3.48
CA GLU A 80 20.60 -31.61 -4.64
C GLU A 80 19.43 -32.49 -4.19
N TRP A 81 18.34 -32.41 -4.93
CA TRP A 81 17.16 -33.22 -4.68
C TRP A 81 16.92 -34.08 -5.90
N THR A 82 16.87 -35.42 -5.69
CA THR A 82 16.76 -36.33 -6.81
C THR A 82 15.55 -37.25 -6.62
N PRO A 83 14.36 -36.66 -6.68
CA PRO A 83 13.10 -37.39 -6.52
C PRO A 83 12.80 -38.31 -7.65
N LEU A 84 12.12 -39.41 -7.37
CA LEU A 84 11.49 -40.21 -8.40
C LEU A 84 10.26 -39.45 -8.89
N LEU A 85 10.35 -38.84 -10.07
CA LEU A 85 9.32 -37.95 -10.57
C LEU A 85 8.39 -38.70 -11.48
N TYR A 86 7.13 -38.29 -11.42
CA TYR A 86 6.04 -38.79 -12.23
C TYR A 86 5.32 -37.67 -12.96
N ASN A 87 4.54 -38.12 -13.93
CA ASN A 87 3.58 -37.30 -14.64
C ASN A 87 2.19 -37.88 -14.43
N PHE A 88 1.20 -37.01 -14.32
CA PHE A 88 -0.17 -37.44 -14.32
C PHE A 88 -0.68 -36.83 -15.59
N HIS A 89 -0.89 -37.71 -16.56
CA HIS A 89 -1.24 -37.31 -17.89
C HIS A 89 -2.18 -38.33 -18.51
N GLY A 90 -3.19 -37.83 -19.20
CA GLY A 90 -4.21 -38.71 -19.76
C GLY A 90 -4.89 -39.48 -18.65
N GLY A 91 -4.93 -38.90 -17.45
CA GLY A 91 -5.59 -39.54 -16.32
C GLY A 91 -4.84 -40.72 -15.73
N ARG A 92 -3.56 -40.88 -16.08
CA ARG A 92 -2.74 -41.99 -15.60
C ARG A 92 -1.39 -41.50 -15.07
N LEU A 93 -0.93 -42.11 -13.98
CA LEU A 93 0.34 -41.77 -13.39
C LEU A 93 1.42 -42.62 -14.05
N SER A 94 2.50 -42.00 -14.48
CA SER A 94 3.62 -42.77 -15.03
C SER A 94 4.91 -42.09 -14.67
N PRO A 95 5.99 -42.87 -14.55
CA PRO A 95 7.24 -42.17 -14.25
C PRO A 95 7.68 -41.20 -15.32
N SER A 96 8.23 -40.05 -14.94
CA SER A 96 8.77 -39.16 -15.93
C SER A 96 10.19 -38.85 -15.45
N PRO A 97 11.19 -39.64 -15.86
CA PRO A 97 12.57 -39.34 -15.47
C PRO A 97 13.18 -38.21 -16.31
N ASP A 98 14.24 -37.61 -15.81
CA ASP A 98 14.93 -36.52 -16.49
C ASP A 98 16.27 -36.34 -15.81
N GLU A 99 17.19 -35.58 -16.40
CA GLU A 99 18.54 -35.56 -15.92
C GLU A 99 18.76 -34.14 -15.37
N GLN A 100 17.65 -33.50 -14.99
CA GLN A 100 17.72 -32.10 -14.59
C GLN A 100 18.14 -32.06 -13.12
N VAL A 101 19.18 -31.29 -12.82
CA VAL A 101 19.59 -31.02 -11.45
C VAL A 101 18.63 -30.04 -10.76
N ARG A 102 18.10 -30.44 -9.61
CA ARG A 102 17.23 -29.60 -8.81
C ARG A 102 17.83 -29.45 -7.43
N TRP A 103 17.74 -28.24 -6.91
CA TRP A 103 18.26 -27.88 -5.61
C TRP A 103 17.18 -27.54 -4.62
N VAL A 104 17.40 -27.89 -3.35
CA VAL A 104 16.51 -27.50 -2.27
C VAL A 104 17.31 -26.98 -1.07
N GLY A 105 16.74 -26.01 -0.40
CA GLY A 105 17.31 -25.58 0.87
C GLY A 105 17.23 -26.72 1.84
N GLU A 106 18.17 -26.76 2.78
CA GLU A 106 18.15 -27.79 3.80
C GLU A 106 18.44 -27.14 5.16
N PRO A 107 17.70 -27.48 6.21
CA PRO A 107 16.64 -28.50 6.29
C PRO A 107 15.34 -28.07 5.68
N GLY A 108 15.25 -26.79 5.26
CA GLY A 108 14.08 -26.30 4.57
C GLY A 108 14.47 -25.26 3.56
N MET A 109 13.54 -24.92 2.68
CA MET A 109 13.83 -23.94 1.64
C MET A 109 14.25 -22.61 2.30
N SER A 110 13.72 -22.33 3.50
CA SER A 110 13.97 -21.09 4.21
C SER A 110 15.41 -20.92 4.68
N ALA A 111 16.20 -22.00 4.68
CA ALA A 111 17.56 -21.95 5.16
C ALA A 111 18.44 -21.03 4.33
N ILE A 112 18.14 -20.93 3.04
CA ILE A 112 18.93 -20.13 2.14
C ILE A 112 18.84 -18.65 2.49
N THR A 113 17.62 -18.12 2.53
CA THR A 113 17.45 -16.71 2.83
C THR A 113 17.82 -16.43 4.28
N ARG A 114 17.59 -17.36 5.19
CA ARG A 114 17.94 -17.09 6.59
C ARG A 114 19.44 -16.84 6.71
N ALA A 115 20.21 -17.64 6.01
CA ALA A 115 21.65 -17.50 6.05
C ALA A 115 22.11 -16.22 5.34
N MET A 116 21.46 -15.85 4.23
CA MET A 116 21.77 -14.60 3.53
C MET A 116 21.50 -13.41 4.44
N ARG A 117 20.40 -13.48 5.18
CA ARG A 117 20.07 -12.41 6.10
C ARG A 117 21.06 -12.31 7.26
N GLY A 118 21.44 -13.44 7.83
CA GLY A 118 22.35 -13.43 8.95
C GLY A 118 21.93 -12.46 10.03
N ASP A 119 22.88 -11.61 10.46
CA ASP A 119 22.58 -10.63 11.51
C ASP A 119 22.48 -9.22 10.95
N LEU A 120 22.13 -9.08 9.68
CA LEU A 120 21.92 -7.75 9.10
C LEU A 120 20.80 -7.05 9.85
N PRO A 121 20.94 -5.72 10.05
CA PRO A 121 19.85 -4.99 10.72
C PRO A 121 18.53 -5.13 9.97
N VAL A 122 17.48 -5.47 10.70
CA VAL A 122 16.18 -5.75 10.08
C VAL A 122 15.06 -5.30 10.99
N SER A 123 14.03 -4.77 10.35
CA SER A 123 12.79 -4.46 11.02
C SER A 123 11.69 -5.33 10.47
N PHE A 124 11.27 -6.31 11.28
CA PHE A 124 10.15 -7.16 10.92
C PHE A 124 8.82 -6.59 11.40
N SER A 125 7.72 -7.16 10.93
CA SER A 125 6.36 -6.66 11.23
C SER A 125 6.31 -5.16 10.95
N CYS A 126 6.98 -4.77 9.87
CA CYS A 126 7.14 -3.37 9.51
C CYS A 126 6.75 -3.21 8.06
N ARG A 127 5.46 -2.93 7.84
CA ARG A 127 4.92 -2.72 6.51
C ARG A 127 5.25 -1.30 6.06
N ILE A 128 6.05 -1.14 5.02
CA ILE A 128 6.33 0.20 4.52
C ILE A 128 5.18 0.63 3.63
N THR A 129 4.67 1.85 3.85
CA THR A 129 3.57 2.40 3.10
C THR A 129 3.98 3.56 2.21
N ASP A 130 5.07 4.24 2.54
CA ASP A 130 5.49 5.41 1.75
C ASP A 130 6.97 5.55 1.74
N VAL A 131 7.50 5.96 0.58
CA VAL A 131 8.93 6.15 0.37
C VAL A 131 9.12 7.52 -0.25
N PHE A 132 9.87 8.37 0.41
CA PHE A 132 9.97 9.73 -0.07
C PHE A 132 11.33 10.32 0.28
N ARG A 133 11.71 11.33 -0.50
CA ARG A 133 13.00 11.93 -0.32
C ARG A 133 12.93 13.40 -0.03
N GLY A 134 13.90 13.84 0.78
CA GLY A 134 14.18 15.25 0.99
C GLY A 134 15.25 15.72 0.04
N GLU A 135 15.99 16.75 0.41
CA GLU A 135 17.00 17.25 -0.51
C GLU A 135 18.20 16.30 -0.58
N GLN A 136 18.51 15.59 0.50
CA GLN A 136 19.72 14.74 0.53
C GLN A 136 19.41 13.24 0.76
N HIS A 137 18.35 12.92 1.50
CA HIS A 137 18.12 11.56 1.97
C HIS A 137 16.73 11.02 1.67
N TRP A 138 16.63 9.68 1.70
CA TRP A 138 15.40 8.97 1.64
C TRP A 138 14.84 8.67 3.01
N ASN A 139 13.53 8.54 3.04
CA ASN A 139 12.77 8.29 4.25
C ASN A 139 11.67 7.29 3.96
N LEU A 140 11.38 6.43 4.93
CA LEU A 140 10.28 5.46 4.85
C LEU A 140 9.24 5.73 5.91
N LEU A 141 7.97 5.63 5.55
CA LEU A 141 6.90 5.62 6.54
C LEU A 141 6.29 4.21 6.63
N ASP A 142 6.02 3.72 7.83
CA ASP A 142 5.37 2.43 7.95
C ASP A 142 3.91 2.57 8.33
N ALA A 143 3.23 1.43 8.42
CA ALA A 143 1.76 1.39 8.59
C ALA A 143 1.31 1.88 9.95
N GLU A 144 2.26 1.96 10.88
CA GLU A 144 2.05 2.53 12.21
C GLU A 144 2.38 4.01 12.25
N SER A 145 2.68 4.60 11.09
CA SER A 145 3.02 6.02 10.98
C SER A 145 4.36 6.36 11.62
N GLU A 146 5.22 5.37 11.79
CA GLU A 146 6.56 5.67 12.27
C GLU A 146 7.49 5.94 11.09
N ASN A 147 8.38 6.91 11.29
CA ASN A 147 9.38 7.28 10.30
C ASN A 147 10.61 6.41 10.44
N HIS A 148 11.23 6.15 9.29
CA HIS A 148 12.48 5.41 9.25
C HIS A 148 13.43 6.14 8.32
N GLY A 149 14.65 6.35 8.78
CA GLY A 149 15.65 7.05 7.99
C GLY A 149 16.58 7.85 8.88
N PRO A 150 17.52 8.58 8.29
CA PRO A 150 17.72 8.76 6.86
C PRO A 150 18.39 7.59 6.18
N PHE A 151 18.06 7.43 4.90
CA PHE A 151 18.72 6.45 4.05
C PHE A 151 19.31 7.11 2.81
N SER A 152 20.40 6.54 2.30
CA SER A 152 21.09 7.13 1.17
C SER A 152 20.44 6.78 -0.16
N HIS A 153 19.84 5.59 -0.20
CA HIS A 153 19.20 5.02 -1.37
C HIS A 153 18.13 4.07 -0.85
N VAL A 154 17.22 3.69 -1.74
CA VAL A 154 16.21 2.67 -1.45
C VAL A 154 16.16 1.63 -2.54
N ILE A 155 16.17 0.38 -2.13
CA ILE A 155 15.88 -0.75 -3.01
C ILE A 155 14.54 -1.36 -2.59
N ILE A 156 13.62 -1.42 -3.55
CA ILE A 156 12.32 -2.07 -3.37
C ILE A 156 12.45 -3.46 -3.97
N ALA A 157 12.13 -4.48 -3.17
CA ALA A 157 12.31 -5.89 -3.53
C ALA A 157 11.07 -6.67 -3.21
N THR A 158 9.95 -6.25 -3.77
CA THR A 158 8.62 -6.82 -3.50
C THR A 158 7.98 -7.27 -4.82
N PRO A 159 6.92 -8.11 -4.74
CA PRO A 159 6.12 -8.37 -5.92
C PRO A 159 5.66 -7.04 -6.55
N ALA A 160 5.53 -7.02 -7.86
CA ALA A 160 5.31 -5.76 -8.57
C ALA A 160 4.08 -4.99 -8.08
N PRO A 161 2.93 -5.66 -7.84
CA PRO A 161 1.79 -4.86 -7.40
C PRO A 161 1.99 -4.20 -6.04
N GLN A 162 2.85 -4.77 -5.21
CA GLN A 162 3.15 -4.21 -3.91
C GLN A 162 4.23 -3.14 -4.00
N ALA A 163 4.96 -3.11 -5.11
CA ALA A 163 5.98 -2.09 -5.32
C ALA A 163 5.36 -0.79 -5.76
N THR A 164 4.23 -0.83 -6.44
CA THR A 164 3.65 0.39 -7.04
C THR A 164 3.40 1.47 -5.96
N ALA A 165 2.94 1.04 -4.79
CA ALA A 165 2.63 1.99 -3.71
C ALA A 165 3.89 2.64 -3.16
N LEU A 166 5.03 1.99 -3.38
CA LEU A 166 6.29 2.47 -2.84
C LEU A 166 7.06 3.31 -3.84
N LEU A 167 6.46 3.60 -5.01
CA LEU A 167 7.12 4.28 -6.08
C LEU A 167 6.52 5.64 -6.43
N ALA A 168 5.79 6.25 -5.51
CA ALA A 168 5.22 7.57 -5.76
C ALA A 168 6.27 8.60 -6.12
N ALA A 169 7.48 8.43 -5.62
CA ALA A 169 8.57 9.40 -5.88
C ALA A 169 9.10 9.25 -7.28
N ALA A 170 8.73 8.15 -7.93
CA ALA A 170 9.24 7.85 -9.27
C ALA A 170 8.06 7.36 -10.12
N PRO A 171 7.14 8.27 -10.48
CA PRO A 171 5.87 7.85 -11.11
C PRO A 171 6.08 7.16 -12.47
N LYS A 172 7.18 7.45 -13.19
CA LYS A 172 7.44 6.70 -14.44
C LYS A 172 7.73 5.24 -14.15
N LEU A 173 8.52 4.96 -13.12
CA LEU A 173 8.72 3.58 -12.72
C LEU A 173 7.42 2.99 -12.20
N ALA A 174 6.67 3.76 -11.42
CA ALA A 174 5.42 3.22 -10.86
C ALA A 174 4.46 2.76 -11.97
N SER A 175 4.35 3.54 -13.03
CA SER A 175 3.43 3.19 -14.12
C SER A 175 3.89 1.93 -14.85
N VAL A 176 5.20 1.77 -15.02
CA VAL A 176 5.73 0.53 -15.61
C VAL A 176 5.43 -0.67 -14.74
N VAL A 177 5.73 -0.52 -13.45
CA VAL A 177 5.59 -1.60 -12.53
C VAL A 177 4.10 -2.01 -12.38
N ALA A 178 3.22 -1.03 -12.50
CA ALA A 178 1.79 -1.24 -12.37
C ALA A 178 1.25 -2.13 -13.49
N GLY A 179 2.00 -2.21 -14.57
CA GLY A 179 1.63 -3.03 -15.70
C GLY A 179 2.04 -4.51 -15.62
N VAL A 180 2.76 -4.88 -14.59
CA VAL A 180 3.26 -6.23 -14.44
C VAL A 180 2.25 -7.15 -13.77
N LYS A 181 1.71 -8.10 -14.53
CA LYS A 181 0.72 -9.02 -13.99
C LYS A 181 1.37 -10.18 -13.25
N MET A 182 0.84 -10.51 -12.07
CA MET A 182 1.31 -11.68 -11.35
C MET A 182 0.11 -12.56 -11.08
N ASP A 183 0.36 -13.85 -11.15
CA ASP A 183 -0.69 -14.87 -11.00
C ASP A 183 -0.70 -15.44 -9.61
N PRO A 184 -1.88 -15.87 -9.12
CA PRO A 184 -1.99 -16.47 -7.80
C PRO A 184 -1.73 -17.98 -7.78
N THR A 185 -1.43 -18.50 -6.60
CA THR A 185 -1.33 -19.93 -6.41
C THR A 185 -1.85 -20.27 -5.03
N TRP A 186 -2.76 -21.23 -4.97
CA TRP A 186 -3.12 -21.87 -3.70
C TRP A 186 -2.26 -23.10 -3.48
N ALA A 187 -1.74 -23.23 -2.25
CA ALA A 187 -0.98 -24.40 -1.83
C ALA A 187 -1.65 -25.05 -0.66
N VAL A 188 -1.58 -26.39 -0.66
CA VAL A 188 -2.09 -27.19 0.43
C VAL A 188 -1.02 -28.18 0.87
N ALA A 189 -0.91 -28.40 2.17
CA ALA A 189 -0.07 -29.47 2.70
C ALA A 189 -0.96 -30.50 3.39
N LEU A 190 -0.71 -31.79 3.13
CA LEU A 190 -1.36 -32.92 3.83
C LEU A 190 -0.32 -33.82 4.43
N ALA A 191 -0.53 -34.32 5.64
CA ALA A 191 0.38 -35.31 6.18
C ALA A 191 -0.36 -36.56 6.65
N PHE A 192 0.30 -37.71 6.45
CA PHE A 192 -0.26 -39.02 6.78
C PHE A 192 0.55 -39.73 7.85
N GLU A 193 -0.15 -40.42 8.74
CA GLU A 193 0.51 -41.11 9.85
C GLU A 193 1.44 -42.20 9.36
N THR A 194 1.03 -42.97 8.36
CA THR A 194 1.92 -43.93 7.75
C THR A 194 2.20 -43.55 6.30
N PRO A 195 3.42 -43.85 5.80
CA PRO A 195 3.73 -43.44 4.44
C PRO A 195 2.83 -44.06 3.39
N LEU A 196 2.44 -43.26 2.41
CA LEU A 196 1.69 -43.76 1.26
C LEU A 196 2.53 -44.79 0.52
N GLN A 197 1.90 -45.89 0.15
CA GLN A 197 2.60 -46.98 -0.50
C GLN A 197 2.70 -46.76 -2.00
N THR A 198 3.48 -45.74 -2.32
CA THR A 198 3.79 -45.40 -3.70
C THR A 198 5.26 -45.02 -3.74
N PRO A 199 5.94 -45.33 -4.86
CA PRO A 199 7.33 -44.87 -5.02
C PRO A 199 7.44 -43.42 -5.46
N MET A 200 6.33 -42.82 -5.88
CA MET A 200 6.34 -41.45 -6.35
C MET A 200 6.84 -40.49 -5.29
N GLN A 201 7.73 -39.57 -5.65
CA GLN A 201 8.22 -38.55 -4.71
C GLN A 201 7.89 -37.11 -5.17
N GLY A 202 7.45 -36.97 -6.42
CA GLY A 202 6.98 -35.71 -6.96
C GLY A 202 6.23 -35.96 -8.26
N CYS A 203 5.36 -35.06 -8.65
CA CYS A 203 4.55 -35.26 -9.86
C CYS A 203 4.19 -33.96 -10.53
N PHE A 204 4.38 -33.92 -11.84
CA PHE A 204 3.87 -32.84 -12.67
C PHE A 204 2.47 -33.30 -13.09
N VAL A 205 1.45 -32.46 -12.89
CA VAL A 205 0.06 -32.89 -13.02
C VAL A 205 -0.64 -32.05 -14.09
N GLN A 206 -1.32 -32.75 -14.99
CA GLN A 206 -2.15 -32.11 -16.00
C GLN A 206 -3.63 -32.50 -15.79
N ASP A 207 -4.54 -31.71 -16.36
CA ASP A 207 -5.97 -32.05 -16.32
C ASP A 207 -6.53 -32.16 -14.93
N SER A 208 -6.10 -31.24 -14.07
CA SER A 208 -6.41 -31.31 -12.64
C SER A 208 -6.39 -29.91 -12.06
N PRO A 209 -7.07 -29.72 -10.91
CA PRO A 209 -6.83 -28.48 -10.17
C PRO A 209 -5.38 -28.30 -9.80
N LEU A 210 -4.69 -29.42 -9.60
CA LEU A 210 -3.27 -29.42 -9.24
C LEU A 210 -2.37 -29.37 -10.47
N ASP A 211 -1.22 -28.69 -10.38
CA ASP A 211 -0.20 -28.94 -11.41
C ASP A 211 1.08 -29.52 -10.83
N TRP A 212 1.19 -29.63 -9.49
CA TRP A 212 2.40 -30.16 -8.88
C TRP A 212 2.11 -30.71 -7.52
N LEU A 213 2.82 -31.78 -7.19
CA LEU A 213 2.81 -32.26 -5.82
C LEU A 213 4.18 -32.85 -5.54
N ALA A 214 4.58 -32.75 -4.27
CA ALA A 214 5.89 -33.19 -3.84
C ALA A 214 5.79 -33.83 -2.48
N ARG A 215 6.62 -34.82 -2.27
CA ARG A 215 6.69 -35.51 -1.02
C ARG A 215 7.87 -35.01 -0.19
N ASN A 216 7.62 -34.36 0.94
CA ASN A 216 8.72 -33.74 1.68
C ASN A 216 9.78 -34.68 2.22
N ARG A 217 9.39 -35.88 2.67
CA ARG A 217 10.39 -36.74 3.29
C ARG A 217 11.40 -37.20 2.23
N SER A 218 11.11 -36.95 0.96
CA SER A 218 12.06 -37.33 -0.07
C SER A 218 13.19 -36.32 -0.24
N LYS A 219 13.08 -35.17 0.41
CA LYS A 219 14.07 -34.11 0.28
C LYS A 219 15.19 -34.33 1.31
N PRO A 220 16.41 -33.92 0.98
CA PRO A 220 17.55 -34.17 1.87
C PRO A 220 17.42 -33.40 3.19
N GLY A 221 17.68 -34.05 4.32
CA GLY A 221 17.62 -33.35 5.60
C GLY A 221 16.28 -33.17 6.28
N ARG A 222 15.22 -33.66 5.66
CA ARG A 222 13.85 -33.52 6.18
C ARG A 222 13.50 -34.57 7.24
N LEU A 226 6.26 -38.11 9.81
CA LEU A 226 5.03 -38.03 9.04
C LEU A 226 5.32 -37.87 7.57
N ASP A 227 4.57 -38.57 6.74
CA ASP A 227 4.68 -38.48 5.29
C ASP A 227 3.86 -37.24 4.83
N SER A 228 4.53 -36.10 4.63
CA SER A 228 3.81 -34.87 4.24
C SER A 228 3.96 -34.61 2.75
N TRP A 229 2.87 -34.10 2.18
CA TRP A 229 2.84 -33.82 0.76
C TRP A 229 2.40 -32.38 0.57
N VAL A 230 3.03 -31.70 -0.36
CA VAL A 230 2.67 -30.33 -0.71
C VAL A 230 2.04 -30.33 -2.09
N LEU A 231 0.87 -29.69 -2.18
CA LEU A 231 0.05 -29.64 -3.39
C LEU A 231 -0.03 -28.22 -3.89
N HIS A 232 0.28 -27.99 -5.16
CA HIS A 232 0.18 -26.67 -5.74
C HIS A 232 -0.87 -26.66 -6.83
N ALA A 233 -1.87 -25.80 -6.68
CA ALA A 233 -2.88 -25.65 -7.70
C ALA A 233 -2.40 -24.83 -8.89
N THR A 234 -2.99 -25.07 -10.07
CA THR A 234 -2.74 -24.22 -11.22
C THR A 234 -3.14 -22.77 -10.97
N SER A 235 -2.58 -21.86 -11.74
CA SER A 235 -2.95 -20.46 -11.57
C SER A 235 -4.41 -20.27 -11.99
N GLN A 236 -4.89 -21.02 -12.99
CA GLN A 236 -6.28 -20.93 -13.40
C GLN A 236 -7.23 -21.32 -12.30
N TRP A 237 -6.95 -22.46 -11.70
CA TRP A 237 -7.81 -22.94 -10.63
C TRP A 237 -7.75 -21.99 -9.45
N SER A 238 -6.54 -21.49 -9.18
CA SER A 238 -6.35 -20.59 -8.04
C SER A 238 -7.15 -19.29 -8.26
N ARG A 239 -7.14 -18.79 -9.49
CA ARG A 239 -7.95 -17.62 -9.85
C ARG A 239 -9.45 -17.88 -9.68
N GLN A 240 -9.91 -19.03 -10.17
CA GLN A 240 -11.32 -19.41 -10.06
C GLN A 240 -11.80 -19.53 -8.61
N ASN A 241 -10.85 -19.82 -7.74
CA ASN A 241 -11.13 -20.09 -6.34
C ASN A 241 -10.39 -19.13 -5.44
N LEU A 242 -10.15 -17.92 -5.94
CA LEU A 242 -9.25 -17.03 -5.25
C LEU A 242 -9.80 -16.61 -3.88
N ASP A 243 -11.13 -16.55 -3.76
CA ASP A 243 -11.75 -16.11 -2.54
C ASP A 243 -12.42 -17.26 -1.77
N ALA A 244 -12.01 -18.49 -2.09
CA ALA A 244 -12.40 -19.63 -1.30
C ALA A 244 -11.70 -19.57 0.07
N SER A 245 -12.33 -20.19 1.06
CA SER A 245 -11.74 -20.35 2.38
C SER A 245 -10.64 -21.40 2.37
N ARG A 246 -9.74 -21.33 3.34
CA ARG A 246 -8.71 -22.36 3.45
C ARG A 246 -9.34 -23.76 3.54
N GLU A 247 -10.46 -23.87 4.28
CA GLU A 247 -11.07 -25.16 4.53
C GLU A 247 -11.61 -25.69 3.19
N GLN A 248 -12.16 -24.80 2.37
CA GLN A 248 -12.69 -25.24 1.08
C GLN A 248 -11.57 -25.70 0.14
N VAL A 249 -10.46 -24.97 0.17
CA VAL A 249 -9.32 -25.29 -0.70
C VAL A 249 -8.72 -26.63 -0.28
N ILE A 250 -8.57 -26.84 1.01
CA ILE A 250 -8.03 -28.13 1.48
C ILE A 250 -8.95 -29.26 0.98
N GLU A 251 -10.25 -29.08 1.17
CA GLU A 251 -11.20 -30.12 0.82
C GLU A 251 -11.08 -30.42 -0.66
N HIS A 252 -11.06 -29.38 -1.48
CA HIS A 252 -11.04 -29.58 -2.94
C HIS A 252 -9.72 -30.14 -3.45
N LEU A 253 -8.58 -29.64 -2.95
CA LEU A 253 -7.31 -30.11 -3.46
C LEU A 253 -6.95 -31.48 -2.86
N HIS A 254 -7.39 -31.76 -1.65
CA HIS A 254 -7.27 -33.10 -1.09
C HIS A 254 -8.05 -34.06 -2.01
N GLY A 255 -9.24 -33.64 -2.43
CA GLY A 255 -10.04 -34.50 -3.31
C GLY A 255 -9.31 -34.77 -4.61
N ALA A 256 -8.74 -33.72 -5.18
CA ALA A 256 -7.98 -33.86 -6.43
C ALA A 256 -6.80 -34.83 -6.30
N PHE A 257 -6.09 -34.77 -5.17
CA PHE A 257 -4.96 -35.65 -4.89
C PHE A 257 -5.47 -37.08 -4.76
N ALA A 258 -6.59 -37.26 -4.06
CA ALA A 258 -7.16 -38.59 -3.86
C ALA A 258 -7.58 -39.20 -5.19
N GLU A 259 -7.94 -38.36 -6.15
CA GLU A 259 -8.33 -38.83 -7.48
C GLU A 259 -7.14 -39.37 -8.28
N LEU A 260 -5.95 -38.81 -8.07
CA LEU A 260 -4.83 -39.18 -8.95
C LEU A 260 -3.91 -40.24 -8.32
N ILE A 261 -3.95 -40.41 -6.99
CA ILE A 261 -3.02 -41.29 -6.29
C ILE A 261 -3.25 -42.75 -6.73
N ASP A 262 -2.18 -43.54 -6.74
CA ASP A 262 -2.24 -44.93 -7.19
C ASP A 262 -2.05 -45.94 -6.07
N CYS A 263 -2.46 -45.59 -4.87
CA CYS A 263 -2.38 -46.49 -3.71
C CYS A 263 -3.44 -46.08 -2.72
N ALA A 264 -3.67 -46.90 -1.70
CA ALA A 264 -4.58 -46.50 -0.64
C ALA A 264 -4.12 -45.22 0.02
N MET A 265 -5.07 -44.37 0.32
CA MET A 265 -4.85 -43.08 0.99
C MET A 265 -5.90 -42.84 2.06
N PRO A 266 -5.55 -43.04 3.33
CA PRO A 266 -6.45 -42.75 4.44
C PRO A 266 -6.63 -41.26 4.67
N ALA A 267 -7.46 -40.91 5.64
CA ALA A 267 -7.60 -39.51 5.99
C ALA A 267 -6.26 -38.99 6.56
N PRO A 268 -5.84 -37.77 6.16
CA PRO A 268 -4.62 -37.14 6.68
C PRO A 268 -4.76 -36.79 8.16
N VAL A 269 -3.65 -36.72 8.89
CA VAL A 269 -3.77 -36.33 10.27
C VAL A 269 -3.67 -34.82 10.45
N PHE A 270 -3.20 -34.11 9.44
CA PHE A 270 -3.21 -32.64 9.48
C PHE A 270 -3.17 -32.09 8.07
N SER A 271 -3.74 -30.90 7.94
CA SER A 271 -3.81 -30.21 6.66
C SER A 271 -3.61 -28.73 6.86
N LEU A 272 -3.02 -28.09 5.86
CA LEU A 272 -2.74 -26.65 5.89
C LEU A 272 -2.94 -26.09 4.52
N ALA A 273 -3.43 -24.84 4.44
CA ALA A 273 -3.51 -24.13 3.18
C ALA A 273 -2.90 -22.73 3.24
N HIS A 274 -2.32 -22.29 2.12
CA HIS A 274 -1.80 -20.93 2.03
C HIS A 274 -2.09 -20.36 0.64
N ARG A 275 -2.62 -19.12 0.59
CA ARG A 275 -2.88 -18.44 -0.67
C ARG A 275 -1.78 -17.43 -0.94
N TRP A 276 -1.11 -17.61 -2.06
CA TRP A 276 -0.16 -16.63 -2.53
C TRP A 276 -0.87 -15.81 -3.63
N LEU A 277 -1.28 -14.58 -3.32
CA LEU A 277 -1.95 -13.75 -4.32
C LEU A 277 -1.07 -13.41 -5.51
N TYR A 278 0.20 -13.16 -5.24
CA TYR A 278 1.16 -12.78 -6.26
C TYR A 278 2.29 -13.79 -6.26
N ALA A 279 1.96 -15.00 -6.70
CA ALA A 279 2.88 -16.14 -6.62
C ALA A 279 4.00 -16.10 -7.65
N ARG A 280 3.67 -15.71 -8.86
CA ARG A 280 4.63 -15.67 -9.94
C ARG A 280 4.20 -14.67 -10.95
N PRO A 281 5.17 -14.16 -11.72
CA PRO A 281 4.81 -13.32 -12.86
C PRO A 281 4.07 -14.14 -13.92
N ALA A 282 3.11 -13.50 -14.57
CA ALA A 282 2.33 -14.13 -15.62
C ALA A 282 3.18 -14.40 -16.85
N GLY A 283 4.18 -13.56 -17.04
CA GLY A 283 5.07 -13.64 -18.19
C GLY A 283 6.51 -13.40 -17.83
N SER A 284 7.38 -13.41 -18.84
CA SER A 284 8.80 -13.20 -18.59
C SER A 284 9.12 -11.74 -18.87
N HIS A 285 10.18 -11.26 -18.24
CA HIS A 285 10.69 -9.93 -18.53
C HIS A 285 12.18 -10.01 -18.73
N GLU A 286 12.78 -8.94 -19.28
CA GLU A 286 14.21 -8.90 -19.51
C GLU A 286 14.87 -7.65 -18.92
N TRP A 287 14.22 -7.03 -17.96
CA TRP A 287 14.72 -5.81 -17.32
C TRP A 287 15.98 -6.00 -16.50
N GLY A 288 16.03 -7.10 -15.77
CA GLY A 288 17.07 -7.32 -14.77
C GLY A 288 16.70 -6.60 -13.49
N ALA A 289 16.57 -5.29 -13.58
CA ALA A 289 16.08 -4.45 -12.49
C ALA A 289 15.47 -3.22 -13.12
N LEU A 290 14.79 -2.42 -12.33
CA LEU A 290 14.32 -1.12 -12.75
C LEU A 290 14.92 -0.10 -11.82
N SER A 291 15.26 1.06 -12.35
CA SER A 291 15.94 2.02 -11.51
C SER A 291 15.83 3.43 -12.03
N ASP A 292 15.90 4.35 -11.09
CA ASP A 292 16.15 5.74 -11.38
C ASP A 292 17.34 6.13 -10.53
N ALA A 293 18.54 5.94 -11.08
CA ALA A 293 19.76 6.06 -10.31
C ALA A 293 20.00 7.51 -9.89
N ASP A 294 19.58 8.46 -10.71
CA ASP A 294 19.74 9.84 -10.35
C ASP A 294 18.91 10.17 -9.11
N LEU A 295 17.72 9.59 -9.01
CA LEU A 295 16.88 9.79 -7.83
C LEU A 295 17.37 8.96 -6.62
N GLY A 296 17.90 7.77 -6.88
CA GLY A 296 18.43 6.89 -5.85
C GLY A 296 17.50 5.75 -5.47
N ILE A 297 16.59 5.39 -6.36
CA ILE A 297 15.60 4.33 -6.08
C ILE A 297 15.75 3.22 -7.11
N TYR A 298 15.76 1.98 -6.61
CA TYR A 298 16.00 0.77 -7.39
C TYR A 298 14.92 -0.25 -7.09
N VAL A 299 14.55 -1.05 -8.09
CA VAL A 299 13.47 -2.03 -7.98
C VAL A 299 13.95 -3.36 -8.50
N CYS A 300 13.68 -4.42 -7.73
CA CYS A 300 14.08 -5.75 -8.15
C CYS A 300 13.07 -6.78 -7.69
N GLY A 301 13.21 -7.95 -8.27
CA GLY A 301 12.34 -9.06 -7.98
C GLY A 301 12.34 -10.09 -9.08
N ASP A 302 11.77 -11.26 -8.81
CA ASP A 302 11.76 -12.28 -9.86
C ASP A 302 11.09 -11.83 -11.15
N TRP A 303 10.09 -10.98 -11.01
CA TRP A 303 9.28 -10.50 -12.11
C TRP A 303 10.08 -9.54 -13.01
N CYS A 304 11.30 -9.15 -12.60
CA CYS A 304 12.16 -8.39 -13.50
C CYS A 304 12.86 -9.30 -14.51
N LEU A 305 12.85 -10.62 -14.24
CA LEU A 305 13.46 -11.63 -15.13
C LEU A 305 12.50 -12.83 -15.29
N SER A 306 12.89 -14.03 -14.84
CA SER A 306 12.21 -15.27 -15.25
C SER A 306 11.11 -15.79 -14.33
N GLY A 307 10.93 -15.22 -13.16
CA GLY A 307 9.92 -15.70 -12.23
C GLY A 307 10.26 -16.94 -11.42
N ARG A 308 11.56 -17.15 -11.28
CA ARG A 308 12.14 -18.29 -10.57
C ARG A 308 13.10 -17.73 -9.51
N VAL A 309 13.53 -18.59 -8.60
CA VAL A 309 14.52 -18.22 -7.58
C VAL A 309 15.75 -17.59 -8.23
N GLU A 310 16.26 -18.21 -9.28
CA GLU A 310 17.41 -17.66 -9.99
C GLU A 310 17.16 -16.22 -10.48
N GLY A 311 15.97 -15.96 -11.02
CA GLY A 311 15.62 -14.65 -11.52
C GLY A 311 15.58 -13.63 -10.40
N ALA A 312 15.00 -14.01 -9.26
CA ALA A 312 15.01 -13.11 -8.11
C ALA A 312 16.43 -12.80 -7.67
N TRP A 313 17.26 -13.83 -7.58
CA TRP A 313 18.63 -13.60 -7.12
C TRP A 313 19.38 -12.71 -8.09
N LEU A 314 19.28 -12.98 -9.39
CA LEU A 314 19.97 -12.18 -10.38
C LEU A 314 19.48 -10.74 -10.37
N SER A 315 18.18 -10.56 -10.15
CA SER A 315 17.59 -9.21 -10.17
C SER A 315 18.16 -8.39 -9.00
N GLY A 316 18.26 -8.98 -7.83
CA GLY A 316 18.84 -8.30 -6.69
C GLY A 316 20.30 -7.93 -6.95
N GLN A 317 21.04 -8.86 -7.54
CA GLN A 317 22.41 -8.54 -7.91
C GLN A 317 22.49 -7.34 -8.85
N GLU A 318 21.58 -7.27 -9.83
CA GLU A 318 21.61 -6.20 -10.81
C GLU A 318 21.25 -4.87 -10.18
N ALA A 319 20.24 -4.86 -9.29
CA ALA A 319 19.90 -3.62 -8.62
C ALA A 319 21.10 -3.07 -7.81
N ALA A 320 21.75 -3.94 -7.05
CA ALA A 320 22.92 -3.54 -6.28
C ALA A 320 24.03 -3.05 -7.19
N ARG A 321 24.26 -3.77 -8.29
CA ARG A 321 25.35 -3.39 -9.22
C ARG A 321 25.13 -1.98 -9.80
N ARG A 322 23.89 -1.67 -10.20
CA ARG A 322 23.57 -0.35 -10.73
C ARG A 322 23.81 0.71 -9.66
N LEU A 323 23.43 0.40 -8.42
CA LEU A 323 23.62 1.36 -7.33
C LEU A 323 25.12 1.59 -7.12
N LEU A 324 25.88 0.52 -7.03
CA LEU A 324 27.32 0.64 -6.82
C LEU A 324 27.99 1.37 -7.99
N GLU A 325 27.53 1.14 -9.22
CA GLU A 325 28.10 1.81 -10.40
C GLU A 325 27.87 3.32 -10.35
N HIS A 326 26.67 3.71 -9.94
CA HIS A 326 26.28 5.11 -9.87
C HIS A 326 27.09 5.86 -8.80
N LEU A 327 27.44 5.19 -7.70
CA LEU A 327 28.24 5.84 -6.67
C LEU A 327 29.59 6.18 -7.26
N GLN A 328 29.68 7.42 -7.76
CA GLN A 328 30.80 7.86 -8.58
C GLN A 328 30.43 9.20 -9.19
N VAL B 3 -25.58 -8.31 -1.48
CA VAL B 3 -24.12 -8.20 -1.49
C VAL B 3 -23.73 -6.72 -1.69
N PRO B 4 -23.13 -6.09 -0.66
CA PRO B 4 -22.96 -4.63 -0.80
C PRO B 4 -21.77 -4.19 -1.66
N ILE B 5 -21.72 -2.88 -1.90
CA ILE B 5 -20.63 -2.22 -2.60
C ILE B 5 -19.60 -1.79 -1.58
N ALA B 6 -18.33 -2.14 -1.77
CA ALA B 6 -17.27 -1.68 -0.90
C ALA B 6 -16.75 -0.30 -1.36
N ILE B 7 -16.54 0.59 -0.40
CA ILE B 7 -15.92 1.90 -0.65
C ILE B 7 -14.73 2.03 0.27
N ILE B 8 -13.59 2.22 -0.35
CA ILE B 8 -12.33 2.34 0.37
C ILE B 8 -11.95 3.81 0.41
N GLY B 9 -12.05 4.39 1.62
CA GLY B 9 -11.76 5.78 1.85
C GLY B 9 -13.01 6.55 2.26
N THR B 10 -12.94 7.20 3.42
CA THR B 10 -14.07 7.92 3.94
C THR B 10 -13.76 9.41 4.02
N GLY B 11 -12.99 9.90 3.05
CA GLY B 11 -12.96 11.34 2.82
C GLY B 11 -14.25 11.73 2.10
N ILE B 12 -14.34 12.98 1.67
CA ILE B 12 -15.58 13.44 1.09
C ILE B 12 -15.86 12.75 -0.26
N ALA B 13 -14.84 12.30 -1.00
CA ALA B 13 -15.11 11.60 -2.27
C ALA B 13 -15.81 10.27 -2.00
N GLY B 14 -15.25 9.49 -1.09
CA GLY B 14 -15.85 8.19 -0.78
C GLY B 14 -17.25 8.33 -0.19
N LEU B 15 -17.44 9.34 0.66
CA LEU B 15 -18.72 9.53 1.31
C LEU B 15 -19.75 10.13 0.36
N SER B 16 -19.27 10.90 -0.60
CA SER B 16 -20.15 11.44 -1.62
C SER B 16 -20.69 10.29 -2.49
N ALA B 17 -19.78 9.39 -2.88
CA ALA B 17 -20.21 8.20 -3.61
C ALA B 17 -21.20 7.38 -2.76
N ALA B 18 -20.89 7.21 -1.47
CA ALA B 18 -21.76 6.42 -0.59
C ALA B 18 -23.16 7.02 -0.54
N GLN B 19 -23.23 8.34 -0.39
CA GLN B 19 -24.53 9.04 -0.35
C GLN B 19 -25.31 8.81 -1.62
N ALA B 20 -24.66 8.95 -2.76
CA ALA B 20 -25.38 8.77 -4.03
C ALA B 20 -25.89 7.35 -4.19
N LEU B 21 -25.09 6.36 -3.80
CA LEU B 21 -25.47 4.97 -3.95
C LEU B 21 -26.61 4.61 -3.00
N THR B 22 -26.53 5.10 -1.77
CA THR B 22 -27.57 4.74 -0.82
C THR B 22 -28.88 5.46 -1.15
N SER B 23 -28.80 6.68 -1.68
CA SER B 23 -30.00 7.39 -2.15
C SER B 23 -30.68 6.64 -3.28
N ALA B 24 -29.89 5.91 -4.03
CA ALA B 24 -30.39 5.12 -5.17
C ALA B 24 -30.77 3.69 -4.77
N GLY B 25 -30.72 3.38 -3.48
CA GLY B 25 -31.21 2.10 -2.98
C GLY B 25 -30.20 0.96 -2.89
N HIS B 26 -28.91 1.30 -2.89
CA HIS B 26 -27.84 0.32 -2.78
C HIS B 26 -27.10 0.38 -1.45
N GLN B 27 -26.85 -0.78 -0.85
CA GLN B 27 -26.09 -0.88 0.41
C GLN B 27 -24.60 -0.78 0.12
N VAL B 28 -23.89 -0.16 1.05
CA VAL B 28 -22.44 0.00 0.95
C VAL B 28 -21.80 -0.45 2.24
N HIS B 29 -20.50 -0.69 2.18
CA HIS B 29 -19.70 -0.83 3.38
C HIS B 29 -18.45 -0.01 3.21
N LEU B 30 -18.20 0.89 4.16
CA LEU B 30 -17.07 1.80 4.14
C LEU B 30 -15.86 1.24 4.87
N PHE B 31 -14.68 1.59 4.36
CA PHE B 31 -13.39 1.23 4.95
C PHE B 31 -12.48 2.43 5.07
N ASP B 32 -11.80 2.51 6.22
CA ASP B 32 -10.72 3.50 6.33
C ASP B 32 -9.62 3.00 7.24
N LYS B 33 -8.38 3.30 6.87
CA LYS B 33 -7.22 2.96 7.68
C LYS B 33 -7.16 3.82 8.95
N SER B 34 -7.81 4.97 8.92
N SER B 34 -7.78 4.99 8.91
CA SER B 34 -7.81 5.89 10.06
CA SER B 34 -7.83 5.90 10.05
C SER B 34 -8.87 5.49 11.07
C SER B 34 -8.88 5.47 11.07
N ARG B 35 -8.82 6.07 12.26
CA ARG B 35 -9.77 5.75 13.32
C ARG B 35 -11.13 6.38 13.10
N GLY B 36 -11.16 7.39 12.25
CA GLY B 36 -12.39 8.08 11.90
C GLY B 36 -12.42 8.52 10.45
N SER B 37 -13.52 9.17 10.05
CA SER B 37 -13.70 9.58 8.67
C SER B 37 -13.26 11.05 8.50
N GLY B 38 -13.30 11.51 7.26
CA GLY B 38 -13.03 12.88 6.90
C GLY B 38 -11.79 13.06 6.05
N GLY B 39 -10.80 12.19 6.21
CA GLY B 39 -9.59 12.27 5.42
C GLY B 39 -8.91 13.63 5.62
N ARG B 40 -8.64 14.28 4.50
CA ARG B 40 -7.96 15.57 4.51
C ARG B 40 -8.88 16.71 4.99
N MET B 41 -10.15 16.40 5.28
CA MET B 41 -11.09 17.34 5.93
C MET B 41 -11.18 17.11 7.44
N SER B 42 -10.42 16.17 7.97
CA SER B 42 -10.58 15.77 9.37
C SER B 42 -10.29 16.86 10.38
N SER B 43 -10.92 16.76 11.54
CA SER B 43 -10.58 17.63 12.67
C SER B 43 -9.87 16.76 13.68
N LYS B 44 -8.86 17.33 14.34
CA LYS B 44 -8.10 16.63 15.36
C LYS B 44 -8.40 17.18 16.75
N ARG B 45 -8.74 16.30 17.69
CA ARG B 45 -8.92 16.72 19.07
C ARG B 45 -7.53 16.89 19.64
N SER B 46 -7.35 17.91 20.45
CA SER B 46 -6.03 18.12 21.04
C SER B 46 -6.13 18.85 22.35
N ASP B 47 -4.98 18.97 23.01
CA ASP B 47 -4.86 19.65 24.29
C ASP B 47 -5.31 21.08 24.18
N ALA B 48 -5.38 21.59 22.95
CA ALA B 48 -5.77 22.97 22.71
C ALA B 48 -7.14 23.09 22.08
N GLY B 49 -7.88 21.98 22.04
CA GLY B 49 -9.20 21.93 21.44
C GLY B 49 -9.19 21.27 20.07
N SER B 50 -10.33 21.29 19.38
CA SER B 50 -10.41 20.66 18.06
C SER B 50 -9.64 21.47 17.03
N LEU B 51 -8.78 20.79 16.26
CA LEU B 51 -7.98 21.45 15.24
C LEU B 51 -8.29 20.92 13.86
N ASP B 52 -8.52 21.83 12.92
CA ASP B 52 -8.62 21.47 11.50
C ASP B 52 -7.19 21.55 10.92
N MET B 53 -6.46 20.44 10.85
CA MET B 53 -5.06 20.49 10.37
C MET B 53 -4.93 20.24 8.87
N GLY B 54 -6.04 19.86 8.24
CA GLY B 54 -6.07 19.73 6.78
C GLY B 54 -6.74 20.92 6.15
N ALA B 55 -7.77 20.70 5.34
CA ALA B 55 -8.50 21.82 4.77
C ALA B 55 -9.07 22.69 5.90
N GLN B 56 -8.84 23.99 5.82
CA GLN B 56 -9.27 24.98 6.83
C GLN B 56 -10.61 25.56 6.45
N TYR B 57 -10.87 25.62 5.14
CA TYR B 57 -12.11 26.18 4.60
C TYR B 57 -12.23 25.67 3.18
N PHE B 58 -13.37 25.91 2.53
CA PHE B 58 -13.46 25.60 1.11
C PHE B 58 -14.44 26.58 0.46
N THR B 59 -14.29 26.73 -0.85
CA THR B 59 -15.15 27.55 -1.66
C THR B 59 -16.01 26.65 -2.52
N ALA B 60 -17.11 27.21 -3.00
CA ALA B 60 -18.07 26.49 -3.81
C ALA B 60 -18.49 27.22 -5.05
N ARG B 61 -18.08 26.74 -6.23
CA ARG B 61 -18.49 27.44 -7.45
C ARG B 61 -19.47 26.63 -8.26
N ASP B 62 -19.23 25.34 -8.40
CA ASP B 62 -20.14 24.51 -9.14
C ASP B 62 -21.52 24.45 -8.45
N ARG B 63 -22.59 24.71 -9.20
CA ARG B 63 -23.92 24.77 -8.59
C ARG B 63 -24.34 23.46 -7.95
N ARG B 64 -23.94 22.28 -8.49
CA ARG B 64 -24.36 21.06 -7.87
C ARG B 64 -23.76 20.97 -6.48
N PHE B 65 -22.48 21.31 -6.34
CA PHE B 65 -21.84 21.29 -5.05
C PHE B 65 -22.41 22.37 -4.09
N ALA B 66 -22.62 23.56 -4.63
CA ALA B 66 -23.18 24.67 -3.84
C ALA B 66 -24.55 24.28 -3.26
N THR B 67 -25.34 23.54 -4.03
CA THR B 67 -26.62 23.09 -3.57
C THR B 67 -26.46 22.15 -2.38
N ALA B 68 -25.49 21.24 -2.45
CA ALA B 68 -25.22 20.35 -1.32
C ALA B 68 -24.76 21.14 -0.08
N VAL B 69 -23.89 22.09 -0.30
CA VAL B 69 -23.39 22.89 0.81
C VAL B 69 -24.54 23.63 1.52
N LYS B 70 -25.49 24.18 0.77
CA LYS B 70 -26.62 24.87 1.38
C LYS B 70 -27.48 23.89 2.18
N GLN B 71 -27.59 22.63 1.73
CA GLN B 71 -28.29 21.60 2.54
C GLN B 71 -27.54 21.36 3.86
N TRP B 72 -26.22 21.21 3.79
CA TRP B 72 -25.41 20.99 4.98
C TRP B 72 -25.57 22.19 5.91
N GLN B 73 -25.68 23.39 5.34
CA GLN B 73 -25.84 24.57 6.16
C GLN B 73 -27.16 24.53 6.91
N ALA B 74 -28.24 24.15 6.21
CA ALA B 74 -29.56 24.04 6.80
C ALA B 74 -29.58 23.03 7.91
N GLN B 75 -28.71 22.04 7.79
CA GLN B 75 -28.64 20.96 8.79
C GLN B 75 -27.68 21.34 9.93
N GLY B 76 -27.10 22.54 9.86
CA GLY B 76 -26.22 23.00 10.92
C GLY B 76 -24.78 22.47 10.92
N HIS B 77 -24.31 21.95 9.80
CA HIS B 77 -22.97 21.34 9.76
C HIS B 77 -21.90 22.20 9.08
N VAL B 78 -22.30 23.31 8.46
CA VAL B 78 -21.33 24.22 7.80
C VAL B 78 -21.90 25.64 7.89
N SER B 79 -21.01 26.63 7.95
CA SER B 79 -21.41 28.02 7.95
C SER B 79 -20.34 28.83 7.26
N GLU B 80 -20.69 30.06 6.88
CA GLU B 80 -19.73 30.95 6.25
C GLU B 80 -18.71 31.43 7.25
N TRP B 81 -17.48 31.61 6.80
CA TRP B 81 -16.40 32.16 7.59
C TRP B 81 -15.88 33.38 6.86
N THR B 82 -15.91 34.53 7.50
CA THR B 82 -15.53 35.81 6.90
C THR B 82 -14.51 36.47 7.80
N PRO B 83 -13.31 35.92 7.85
CA PRO B 83 -12.29 36.52 8.72
C PRO B 83 -11.83 37.90 8.31
N LEU B 84 -11.41 38.69 9.29
CA LEU B 84 -10.67 39.90 9.03
C LEU B 84 -9.29 39.51 8.55
N LEU B 85 -9.13 39.62 7.24
CA LEU B 85 -7.93 39.10 6.54
C LEU B 85 -6.86 40.12 6.28
N TYR B 86 -5.62 39.63 6.30
CA TYR B 86 -4.48 40.47 5.99
C TYR B 86 -3.71 39.81 4.83
N ASN B 87 -2.84 40.59 4.19
CA ASN B 87 -1.87 40.07 3.22
C ASN B 87 -0.49 40.44 3.71
N PHE B 88 0.46 39.52 3.56
CA PHE B 88 1.86 39.82 3.81
C PHE B 88 2.67 39.63 2.55
N HIS B 89 3.16 40.71 1.97
CA HIS B 89 3.86 40.59 0.70
C HIS B 89 4.96 41.66 0.68
N GLY B 90 6.10 41.27 0.15
CA GLY B 90 7.24 42.16 0.15
C GLY B 90 7.69 42.53 1.56
N GLY B 91 7.46 41.62 2.50
CA GLY B 91 7.86 41.85 3.87
C GLY B 91 7.01 42.86 4.61
N ARG B 92 5.83 43.14 4.06
CA ARG B 92 4.94 44.12 4.67
C ARG B 92 3.50 43.59 4.86
N LEU B 93 2.95 43.86 6.04
CA LEU B 93 1.59 43.44 6.40
C LEU B 93 0.55 44.49 6.10
N SER B 94 -0.55 44.13 5.45
CA SER B 94 -1.64 45.06 5.21
C SER B 94 -3.02 44.38 5.18
N PRO B 95 -4.08 45.11 5.52
CA PRO B 95 -5.43 44.56 5.42
C PRO B 95 -5.74 44.17 3.98
N SER B 96 -6.53 43.13 3.84
CA SER B 96 -6.99 42.56 2.59
C SER B 96 -8.51 42.57 2.52
N PRO B 97 -9.07 43.54 1.78
CA PRO B 97 -10.52 43.48 1.73
C PRO B 97 -10.91 42.32 0.84
N ASP B 98 -10.53 41.07 1.17
CA ASP B 98 -10.99 40.04 0.28
C ASP B 98 -12.43 39.85 0.68
N GLU B 99 -13.21 39.52 -0.33
CA GLU B 99 -14.66 39.49 -0.23
C GLU B 99 -15.29 38.16 -0.62
N GLN B 100 -14.48 37.14 -0.55
CA GLN B 100 -14.80 35.81 -1.03
C GLN B 100 -15.54 34.98 0.01
N VAL B 101 -16.62 34.33 -0.40
CA VAL B 101 -17.32 33.39 0.49
C VAL B 101 -16.49 32.14 0.71
N ARG B 102 -16.23 31.84 1.98
CA ARG B 102 -15.53 30.65 2.41
C ARG B 102 -16.43 29.92 3.40
N TRP B 103 -16.43 28.59 3.30
CA TRP B 103 -17.23 27.74 4.15
C TRP B 103 -16.35 26.92 5.08
N VAL B 104 -16.82 26.73 6.31
N VAL B 104 -16.85 26.71 6.31
CA VAL B 104 -16.14 25.86 7.26
CA VAL B 104 -16.14 25.95 7.34
C VAL B 104 -17.17 24.98 7.91
C VAL B 104 -17.12 25.02 8.05
N GLY B 105 -16.76 23.75 8.22
CA GLY B 105 -17.58 22.86 9.01
C GLY B 105 -17.76 23.38 10.42
N GLU B 106 -18.89 23.09 11.02
CA GLU B 106 -19.14 23.47 12.40
C GLU B 106 -19.76 22.25 13.10
N PRO B 107 -19.29 21.94 14.32
CA PRO B 107 -18.33 22.73 15.08
C PRO B 107 -16.88 22.62 14.63
N GLY B 108 -16.60 21.71 13.71
CA GLY B 108 -15.28 21.56 13.09
C GLY B 108 -15.43 21.13 11.65
N MET B 109 -14.35 21.18 10.89
N MET B 109 -14.35 21.19 10.88
CA MET B 109 -14.42 20.81 9.48
CA MET B 109 -14.39 20.80 9.48
C MET B 109 -14.92 19.38 9.30
C MET B 109 -14.94 19.39 9.31
N SER B 110 -14.64 18.51 10.26
CA SER B 110 -15.03 17.10 10.17
C SER B 110 -16.54 16.91 10.23
N ALA B 111 -17.28 17.92 10.65
CA ALA B 111 -18.74 17.77 10.81
C ALA B 111 -19.44 17.44 9.49
N ILE B 112 -18.91 17.92 8.38
CA ILE B 112 -19.52 17.68 7.08
C ILE B 112 -19.51 16.20 6.72
N THR B 113 -18.32 15.62 6.73
CA THR B 113 -18.17 14.22 6.39
C THR B 113 -18.82 13.36 7.48
N ARG B 114 -18.80 13.76 8.76
CA ARG B 114 -19.45 12.94 9.79
C ARG B 114 -20.94 12.76 9.49
N ALA B 115 -21.55 13.87 9.08
CA ALA B 115 -22.99 13.83 8.78
C ALA B 115 -23.26 13.04 7.52
N MET B 116 -22.38 13.17 6.51
CA MET B 116 -22.53 12.36 5.30
C MET B 116 -22.45 10.87 5.58
N ARG B 117 -21.52 10.49 6.47
CA ARG B 117 -21.36 9.09 6.83
C ARG B 117 -22.59 8.55 7.58
N GLY B 118 -23.13 9.37 8.48
CA GLY B 118 -24.27 8.96 9.28
C GLY B 118 -24.03 7.62 9.91
N ASP B 119 -24.97 6.69 9.76
CA ASP B 119 -24.80 5.36 10.35
C ASP B 119 -24.52 4.29 9.29
N LEU B 120 -23.94 4.68 8.17
CA LEU B 120 -23.55 3.71 7.16
C LEU B 120 -22.55 2.73 7.74
N PRO B 121 -22.65 1.46 7.36
CA PRO B 121 -21.69 0.49 7.87
C PRO B 121 -20.24 0.85 7.52
N VAL B 122 -19.37 0.80 8.52
CA VAL B 122 -17.99 1.23 8.35
C VAL B 122 -17.05 0.38 9.19
N SER B 123 -15.89 0.10 8.61
CA SER B 123 -14.78 -0.53 9.31
C SER B 123 -13.60 0.45 9.37
N PHE B 124 -13.35 1.02 10.56
CA PHE B 124 -12.22 1.91 10.79
C PHE B 124 -10.99 1.13 11.26
N SER B 125 -9.85 1.83 11.25
CA SER B 125 -8.56 1.21 11.57
C SER B 125 -8.37 -0.06 10.76
N CYS B 126 -8.80 0.01 9.50
CA CYS B 126 -8.83 -1.11 8.59
C CYS B 126 -8.17 -0.67 7.27
N ARG B 127 -6.87 -0.87 7.21
CA ARG B 127 -6.05 -0.55 6.03
C ARG B 127 -6.22 -1.64 5.00
N ILE B 128 -6.81 -1.34 3.85
CA ILE B 128 -6.94 -2.33 2.80
C ILE B 128 -5.64 -2.43 2.04
N THR B 129 -5.15 -3.66 1.82
CA THR B 129 -3.89 -3.82 1.13
C THR B 129 -4.06 -4.45 -0.24
N ASP B 130 -5.14 -5.20 -0.47
CA ASP B 130 -5.39 -5.90 -1.74
C ASP B 130 -6.88 -5.99 -2.04
N VAL B 131 -7.20 -5.88 -3.32
CA VAL B 131 -8.55 -5.92 -3.82
C VAL B 131 -8.52 -6.94 -4.95
N PHE B 132 -9.32 -7.99 -4.85
CA PHE B 132 -9.22 -9.09 -5.83
C PHE B 132 -10.59 -9.68 -5.99
N ARG B 133 -10.81 -10.32 -7.13
CA ARG B 133 -12.15 -10.82 -7.38
C ARG B 133 -12.07 -12.32 -7.56
N GLY B 134 -13.14 -12.99 -7.17
CA GLY B 134 -13.34 -14.39 -7.48
C GLY B 134 -14.17 -14.44 -8.76
N GLU B 135 -14.91 -15.52 -8.94
CA GLU B 135 -15.70 -15.68 -10.15
C GLU B 135 -16.90 -14.73 -10.13
N GLN B 136 -17.42 -14.45 -8.94
CA GLN B 136 -18.64 -13.64 -8.84
C GLN B 136 -18.50 -12.34 -8.07
N HIS B 137 -17.62 -12.33 -7.08
CA HIS B 137 -17.58 -11.22 -6.13
C HIS B 137 -16.21 -10.65 -5.94
N TRP B 138 -16.21 -9.43 -5.41
CA TRP B 138 -14.99 -8.77 -4.98
C TRP B 138 -14.67 -9.03 -3.53
N ASN B 139 -13.39 -8.94 -3.20
CA ASN B 139 -12.85 -9.22 -1.87
C ASN B 139 -11.79 -8.22 -1.53
N LEU B 140 -11.74 -7.86 -0.26
CA LEU B 140 -10.70 -6.97 0.25
C LEU B 140 -9.86 -7.72 1.24
N LEU B 141 -8.55 -7.55 1.17
CA LEU B 141 -7.68 -8.06 2.22
C LEU B 141 -7.14 -6.89 3.00
N ASP B 142 -7.11 -6.96 4.34
CA ASP B 142 -6.54 -5.85 5.11
C ASP B 142 -5.15 -6.17 5.68
N ALA B 143 -4.55 -5.20 6.37
CA ALA B 143 -3.15 -5.27 6.79
C ALA B 143 -2.95 -6.29 7.91
N GLU B 144 -4.05 -6.72 8.52
CA GLU B 144 -4.00 -7.80 9.52
C GLU B 144 -4.27 -9.15 8.88
N SER B 145 -4.33 -9.18 7.55
CA SER B 145 -4.58 -10.38 6.78
C SER B 145 -5.99 -10.95 6.91
N GLU B 146 -6.94 -10.14 7.33
CA GLU B 146 -8.34 -10.59 7.37
C GLU B 146 -9.02 -10.28 6.03
N ASN B 147 -9.85 -11.22 5.58
CA ASN B 147 -10.60 -11.07 4.33
C ASN B 147 -11.90 -10.33 4.60
N HIS B 148 -12.34 -9.53 3.63
CA HIS B 148 -13.62 -8.83 3.69
C HIS B 148 -14.35 -9.05 2.37
N GLY B 149 -15.63 -9.42 2.48
CA GLY B 149 -16.47 -9.65 1.34
C GLY B 149 -17.48 -10.72 1.67
N PRO B 150 -18.28 -11.08 0.68
CA PRO B 150 -18.23 -10.63 -0.69
C PRO B 150 -18.79 -9.23 -0.91
N PHE B 151 -18.27 -8.54 -1.92
CA PHE B 151 -18.79 -7.26 -2.37
C PHE B 151 -19.13 -7.34 -3.85
N SER B 152 -20.12 -6.56 -4.29
CA SER B 152 -20.58 -6.63 -5.64
C SER B 152 -19.74 -5.80 -6.59
N HIS B 153 -19.17 -4.72 -6.05
CA HIS B 153 -18.36 -3.73 -6.76
C HIS B 153 -17.42 -3.09 -5.75
N VAL B 154 -16.38 -2.41 -6.24
CA VAL B 154 -15.49 -1.67 -5.35
C VAL B 154 -15.28 -0.26 -5.86
N ILE B 155 -15.40 0.72 -4.97
CA ILE B 155 -15.01 2.10 -5.26
C ILE B 155 -13.78 2.43 -4.42
N ILE B 156 -12.71 2.84 -5.08
CA ILE B 156 -11.50 3.28 -4.40
C ILE B 156 -11.55 4.80 -4.35
N ALA B 157 -11.43 5.37 -3.15
CA ALA B 157 -11.60 6.81 -2.95
C ALA B 157 -10.44 7.35 -2.10
N THR B 158 -9.22 7.13 -2.57
CA THR B 158 -8.00 7.49 -1.85
C THR B 158 -7.16 8.40 -2.73
N PRO B 159 -6.17 9.08 -2.14
CA PRO B 159 -5.17 9.75 -2.98
C PRO B 159 -4.59 8.80 -4.01
N ALA B 160 -4.25 9.32 -5.19
CA ALA B 160 -3.87 8.46 -6.31
C ALA B 160 -2.70 7.51 -5.97
N PRO B 161 -1.64 8.00 -5.31
CA PRO B 161 -0.54 7.05 -5.04
C PRO B 161 -0.94 5.90 -4.11
N GLN B 162 -1.94 6.12 -3.28
CA GLN B 162 -2.43 5.09 -2.37
C GLN B 162 -3.43 4.17 -3.06
N ALA B 163 -3.95 4.61 -4.19
CA ALA B 163 -4.89 3.79 -4.95
C ALA B 163 -4.20 2.73 -5.83
N THR B 164 -2.98 3.00 -6.28
N THR B 164 -2.98 2.99 -6.29
CA THR B 164 -2.32 2.13 -7.25
CA THR B 164 -2.33 2.11 -7.28
C THR B 164 -2.20 0.69 -6.78
C THR B 164 -2.21 0.67 -6.79
N ALA B 165 -1.89 0.53 -5.50
CA ALA B 165 -1.70 -0.80 -4.87
C ALA B 165 -2.99 -1.59 -4.77
N LEU B 166 -4.11 -0.87 -4.83
CA LEU B 166 -5.42 -1.48 -4.71
C LEU B 166 -6.03 -1.79 -6.10
N LEU B 167 -5.24 -1.58 -7.16
CA LEU B 167 -5.74 -1.72 -8.54
C LEU B 167 -5.01 -2.83 -9.31
N ALA B 168 -4.43 -3.80 -8.60
CA ALA B 168 -3.76 -4.92 -9.27
C ALA B 168 -4.68 -5.68 -10.20
N ALA B 169 -5.97 -5.69 -9.88
CA ALA B 169 -6.93 -6.40 -10.70
C ALA B 169 -7.25 -5.67 -12.01
N ALA B 170 -6.86 -4.41 -12.08
CA ALA B 170 -7.17 -3.56 -13.22
C ALA B 170 -5.92 -2.78 -13.62
N PRO B 171 -4.95 -3.48 -14.18
CA PRO B 171 -3.62 -2.88 -14.40
C PRO B 171 -3.60 -1.69 -15.36
N LYS B 172 -4.56 -1.61 -16.28
CA LYS B 172 -4.63 -0.42 -17.15
C LYS B 172 -4.98 0.82 -16.32
N LEU B 173 -5.93 0.67 -15.42
CA LEU B 173 -6.27 1.75 -14.50
C LEU B 173 -5.12 2.02 -13.57
N ALA B 174 -4.49 0.97 -13.06
CA ALA B 174 -3.38 1.18 -12.10
C ALA B 174 -2.29 2.04 -12.74
N SER B 175 -1.99 1.78 -14.01
N SER B 175 -1.98 1.77 -14.01
CA SER B 175 -0.95 2.54 -14.69
CA SER B 175 -0.94 2.52 -14.70
C SER B 175 -1.31 4.02 -14.86
C SER B 175 -1.30 4.01 -14.87
N VAL B 176 -2.57 4.30 -15.14
CA VAL B 176 -3.03 5.69 -15.22
C VAL B 176 -2.91 6.37 -13.88
N VAL B 177 -3.40 5.69 -12.85
CA VAL B 177 -3.43 6.28 -11.53
C VAL B 177 -2.00 6.52 -11.03
N ALA B 178 -1.08 5.62 -11.40
CA ALA B 178 0.30 5.74 -10.96
C ALA B 178 1.00 6.99 -11.49
N GLY B 179 0.48 7.55 -12.58
CA GLY B 179 1.04 8.76 -13.15
C GLY B 179 0.54 10.05 -12.54
N VAL B 180 -0.41 9.98 -11.61
CA VAL B 180 -0.99 11.18 -11.03
C VAL B 180 -0.15 11.68 -9.85
N LYS B 181 0.49 12.83 -10.05
CA LYS B 181 1.33 13.40 -9.02
C LYS B 181 0.53 14.21 -8.00
N MET B 182 0.86 14.03 -6.71
CA MET B 182 0.29 14.83 -5.65
C MET B 182 1.43 15.49 -4.87
N ASP B 183 1.18 16.71 -4.44
CA ASP B 183 2.17 17.52 -3.76
C ASP B 183 1.97 17.49 -2.26
N PRO B 184 3.08 17.63 -1.52
CA PRO B 184 3.01 17.60 -0.04
C PRO B 184 2.75 18.95 0.60
N THR B 185 2.29 18.90 1.86
CA THR B 185 2.10 20.10 2.66
C THR B 185 2.44 19.84 4.10
N TRP B 186 3.26 20.69 4.68
CA TRP B 186 3.41 20.73 6.13
C TRP B 186 2.46 21.81 6.69
N ALA B 187 1.74 21.44 7.74
CA ALA B 187 0.88 22.34 8.50
C ALA B 187 1.35 22.34 9.93
N VAL B 188 1.28 23.50 10.57
CA VAL B 188 1.62 23.65 12.00
C VAL B 188 0.49 24.33 12.74
N ALA B 189 0.21 23.86 13.95
CA ALA B 189 -0.71 24.54 14.83
C ALA B 189 0.08 25.05 16.02
N LEU B 190 -0.20 26.29 16.38
CA LEU B 190 0.34 26.89 17.61
C LEU B 190 -0.81 27.39 18.46
N ALA B 191 -0.74 27.17 19.78
CA ALA B 191 -1.75 27.75 20.66
C ALA B 191 -1.08 28.57 21.75
N PHE B 192 -1.73 29.66 22.11
CA PHE B 192 -1.23 30.60 23.10
C PHE B 192 -2.18 30.61 24.29
N GLU B 193 -1.61 30.69 25.48
CA GLU B 193 -2.38 30.64 26.70
C GLU B 193 -3.33 31.85 26.77
N THR B 194 -2.84 33.03 26.35
CA THR B 194 -3.70 34.21 26.22
C THR B 194 -3.79 34.61 24.75
N PRO B 195 -4.94 35.15 24.34
CA PRO B 195 -5.05 35.50 22.91
C PRO B 195 -4.04 36.55 22.45
N LEU B 196 -3.49 36.35 21.26
CA LEU B 196 -2.63 37.36 20.65
C LEU B 196 -3.41 38.65 20.47
N GLN B 197 -2.77 39.77 20.81
CA GLN B 197 -3.43 41.08 20.77
C GLN B 197 -3.35 41.69 19.38
N THR B 198 -4.03 41.03 18.45
CA THR B 198 -4.16 41.47 17.09
C THR B 198 -5.60 41.23 16.63
N PRO B 199 -6.12 42.10 15.75
CA PRO B 199 -7.43 41.83 15.16
C PRO B 199 -7.39 40.82 14.00
N MET B 200 -6.20 40.50 13.52
N MET B 200 -6.19 40.51 13.51
CA MET B 200 -6.07 39.60 12.38
CA MET B 200 -6.02 39.54 12.44
C MET B 200 -6.67 38.24 12.70
C MET B 200 -6.70 38.23 12.74
N GLN B 201 -7.43 37.71 11.75
CA GLN B 201 -8.03 36.39 11.88
C GLN B 201 -7.55 35.41 10.79
N GLY B 202 -6.89 35.95 9.77
CA GLY B 202 -6.27 35.12 8.74
C GLY B 202 -5.33 35.96 7.90
N CYS B 203 -4.41 35.31 7.21
CA CYS B 203 -3.46 36.05 6.40
C CYS B 203 -3.02 35.22 5.20
N PHE B 204 -3.03 35.85 4.04
CA PHE B 204 -2.40 35.30 2.84
C PHE B 204 -0.95 35.77 2.79
N VAL B 205 -0.03 34.83 2.60
CA VAL B 205 1.38 35.14 2.75
C VAL B 205 2.17 34.85 1.47
N GLN B 206 2.96 35.81 1.04
CA GLN B 206 3.91 35.62 -0.09
C GLN B 206 5.33 35.78 0.37
N ASP B 207 6.24 35.25 -0.44
CA ASP B 207 7.67 35.42 -0.23
C ASP B 207 8.06 34.83 1.12
N SER B 208 7.48 33.68 1.44
CA SER B 208 7.60 33.11 2.77
C SER B 208 7.49 31.60 2.69
N PRO B 209 8.00 30.90 3.72
CA PRO B 209 7.67 29.46 3.85
C PRO B 209 6.16 29.21 3.91
N LEU B 210 5.44 30.16 4.49
CA LEU B 210 3.97 30.08 4.60
C LEU B 210 3.25 30.68 3.39
N ASP B 211 2.10 30.14 3.00
CA ASP B 211 1.22 30.90 2.12
C ASP B 211 -0.12 31.24 2.73
N TRP B 212 -0.41 30.69 3.90
CA TRP B 212 -1.69 30.91 4.56
C TRP B 212 -1.64 30.66 6.05
N LEU B 213 -2.38 31.43 6.82
CA LEU B 213 -2.56 31.11 8.22
C LEU B 213 -3.94 31.57 8.66
N ALA B 214 -4.49 30.90 9.64
CA ALA B 214 -5.84 31.16 10.13
C ALA B 214 -5.94 31.02 11.64
N ARG B 215 -6.80 31.85 12.20
CA ARG B 215 -7.10 31.88 13.62
C ARG B 215 -8.36 31.11 13.94
N ASN B 216 -8.24 30.02 14.70
CA ASN B 216 -9.38 29.14 14.92
C ASN B 216 -10.54 29.81 15.66
N ARG B 217 -10.28 30.71 16.61
CA ARG B 217 -11.36 31.31 17.39
C ARG B 217 -12.24 32.21 16.57
N SER B 218 -11.78 32.53 15.36
CA SER B 218 -12.56 33.36 14.44
C SER B 218 -13.57 32.57 13.62
N LYS B 219 -13.52 31.25 13.72
CA LYS B 219 -14.38 30.37 12.91
C LYS B 219 -15.71 30.18 13.61
N PRO B 220 -16.78 29.95 12.82
CA PRO B 220 -18.10 29.89 13.44
C PRO B 220 -18.24 28.72 14.41
N GLY B 221 -18.78 29.07 15.58
CA GLY B 221 -19.05 28.13 16.64
C GLY B 221 -17.84 27.79 17.48
N ARG B 222 -16.67 28.34 17.15
CA ARG B 222 -15.45 28.02 17.89
C ARG B 222 -15.41 28.91 19.14
N ASP B 223 -15.10 28.34 20.29
CA ASP B 223 -14.97 29.16 21.48
C ASP B 223 -13.98 28.58 22.49
N ASP B 224 -12.87 28.06 21.98
CA ASP B 224 -11.82 27.48 22.82
C ASP B 224 -11.11 28.58 23.59
N THR B 225 -10.80 28.28 24.86
CA THR B 225 -10.03 29.20 25.69
C THR B 225 -8.65 29.49 25.12
N LEU B 226 -8.05 28.51 24.45
CA LEU B 226 -6.73 28.76 23.88
C LEU B 226 -6.89 29.34 22.48
N ASP B 227 -6.06 30.33 22.22
CA ASP B 227 -5.98 30.98 20.92
C ASP B 227 -5.06 30.16 20.00
N SER B 228 -5.65 29.33 19.18
CA SER B 228 -4.87 28.48 18.28
C SER B 228 -4.90 29.01 16.86
N TRP B 229 -3.75 28.86 16.21
CA TRP B 229 -3.53 29.31 14.86
C TRP B 229 -3.01 28.17 14.05
N VAL B 230 -3.50 28.02 12.83
CA VAL B 230 -3.00 27.00 11.93
C VAL B 230 -2.24 27.67 10.78
N LEU B 231 -1.03 27.17 10.55
CA LEU B 231 -0.10 27.71 9.59
C LEU B 231 0.08 26.68 8.48
N HIS B 232 -0.04 27.14 7.22
CA HIS B 232 0.12 26.26 6.07
C HIS B 232 1.33 26.65 5.25
N ALA B 233 2.28 25.73 5.11
CA ALA B 233 3.46 25.98 4.28
C ALA B 233 3.16 25.81 2.80
N THR B 234 3.89 26.51 1.96
CA THR B 234 3.81 26.29 0.52
C THR B 234 4.23 24.86 0.20
N SER B 235 3.80 24.36 -0.95
CA SER B 235 4.19 23.02 -1.34
C SER B 235 5.69 22.98 -1.65
N GLN B 236 6.23 24.08 -2.18
CA GLN B 236 7.67 24.13 -2.48
C GLN B 236 8.49 24.02 -1.20
N TRP B 237 8.13 24.79 -0.17
CA TRP B 237 8.85 24.72 1.09
C TRP B 237 8.68 23.36 1.70
N SER B 238 7.47 22.81 1.59
CA SER B 238 7.19 21.52 2.19
C SER B 238 8.01 20.42 1.52
N ARG B 239 8.13 20.48 0.19
CA ARG B 239 8.98 19.54 -0.53
C ARG B 239 10.42 19.68 -0.13
N GLN B 240 10.92 20.91 -0.06
CA GLN B 240 12.31 21.15 0.32
C GLN B 240 12.60 20.65 1.70
N ASN B 241 11.57 20.59 2.52
CA ASN B 241 11.74 20.25 3.92
C ASN B 241 10.93 19.02 4.29
N LEU B 242 10.75 18.12 3.34
CA LEU B 242 9.79 17.04 3.51
C LEU B 242 10.16 16.10 4.65
N ASP B 243 11.45 15.92 4.90
CA ASP B 243 11.91 15.01 5.96
C ASP B 243 12.50 15.75 7.14
N ALA B 244 12.17 17.03 7.29
CA ALA B 244 12.57 17.72 8.50
C ALA B 244 11.81 17.15 9.70
N SER B 245 12.41 17.29 10.88
CA SER B 245 11.71 16.86 12.07
C SER B 245 10.52 17.76 12.37
N ARG B 246 9.54 17.21 13.10
CA ARG B 246 8.39 17.99 13.50
C ARG B 246 8.86 19.23 14.24
N GLU B 247 9.88 19.11 15.09
CA GLU B 247 10.28 20.26 15.89
C GLU B 247 10.87 21.34 15.01
N GLN B 248 11.66 20.96 14.01
CA GLN B 248 12.25 21.96 13.11
C GLN B 248 11.16 22.61 12.27
N VAL B 249 10.17 21.85 11.83
CA VAL B 249 9.11 22.43 11.02
C VAL B 249 8.36 23.46 11.88
N ILE B 250 8.06 23.08 13.12
CA ILE B 250 7.37 23.99 14.04
C ILE B 250 8.18 25.25 14.18
N GLU B 251 9.48 25.09 14.42
CA GLU B 251 10.34 26.23 14.65
C GLU B 251 10.37 27.17 13.45
N HIS B 252 10.51 26.60 12.27
CA HIS B 252 10.60 27.42 11.06
C HIS B 252 9.31 28.11 10.73
N LEU B 253 8.18 27.45 10.87
CA LEU B 253 6.94 28.12 10.49
C LEU B 253 6.53 29.11 11.59
N HIS B 254 6.88 28.80 12.83
CA HIS B 254 6.69 29.76 13.95
C HIS B 254 7.50 31.03 13.60
N GLY B 255 8.70 30.86 13.09
CA GLY B 255 9.52 32.00 12.71
C GLY B 255 8.88 32.84 11.61
N ALA B 256 8.35 32.15 10.61
CA ALA B 256 7.66 32.81 9.50
C ALA B 256 6.47 33.63 10.03
N PHE B 257 5.75 33.05 10.99
CA PHE B 257 4.61 33.72 11.61
C PHE B 257 5.09 34.96 12.39
N ALA B 258 6.18 34.79 13.15
CA ALA B 258 6.74 35.88 13.95
C ALA B 258 7.25 37.01 13.08
N GLU B 259 7.67 36.71 11.85
CA GLU B 259 8.16 37.76 10.99
C GLU B 259 7.05 38.69 10.57
N LEU B 260 5.83 38.18 10.41
CA LEU B 260 4.74 38.99 9.86
C LEU B 260 3.77 39.56 10.89
N ILE B 261 3.73 38.97 12.09
CA ILE B 261 2.71 39.34 13.06
C ILE B 261 2.85 40.76 13.54
N ASP B 262 1.70 41.35 13.88
CA ASP B 262 1.66 42.75 14.30
C ASP B 262 1.38 42.93 15.79
N CYS B 263 1.82 41.97 16.61
CA CYS B 263 1.70 42.08 18.05
C CYS B 263 2.78 41.20 18.67
N ALA B 264 2.96 41.33 19.98
CA ALA B 264 3.84 40.47 20.76
C ALA B 264 3.35 39.05 20.65
N MET B 265 4.27 38.08 20.63
CA MET B 265 3.86 36.69 20.51
C MET B 265 4.66 35.95 21.59
N PRO B 266 3.98 35.60 22.69
CA PRO B 266 4.69 34.84 23.73
C PRO B 266 4.98 33.44 23.26
N ALA B 267 5.71 32.65 24.04
CA ALA B 267 5.96 31.26 23.65
C ALA B 267 4.65 30.47 23.59
N PRO B 268 4.49 29.66 22.55
CA PRO B 268 3.25 28.86 22.57
C PRO B 268 3.25 27.80 23.65
N VAL B 269 2.06 27.47 24.13
CA VAL B 269 1.88 26.41 25.13
C VAL B 269 1.62 25.08 24.48
N PHE B 270 1.33 25.10 23.18
CA PHE B 270 1.17 23.87 22.47
C PHE B 270 1.52 24.11 21.04
N SER B 271 2.12 23.08 20.44
N SER B 271 2.20 23.12 20.45
CA SER B 271 2.52 23.13 19.05
CA SER B 271 2.58 23.16 19.04
C SER B 271 2.37 21.74 18.46
C SER B 271 2.49 21.76 18.43
N LEU B 272 2.00 21.68 17.20
CA LEU B 272 1.85 20.43 16.50
C LEU B 272 2.28 20.64 15.06
N ALA B 273 2.87 19.63 14.45
CA ALA B 273 3.14 19.68 13.03
C ALA B 273 2.51 18.42 12.45
N HIS B 274 2.01 18.57 11.24
CA HIS B 274 1.46 17.46 10.50
C HIS B 274 1.89 17.53 9.07
N ARG B 275 2.42 16.41 8.58
CA ARG B 275 2.82 16.28 7.18
C ARG B 275 1.81 15.50 6.40
N TRP B 276 1.29 16.14 5.38
CA TRP B 276 0.45 15.50 4.37
C TRP B 276 1.32 15.23 3.15
N LEU B 277 1.70 13.99 2.95
CA LEU B 277 2.51 13.65 1.80
C LEU B 277 1.76 13.90 0.51
N TYR B 278 0.44 13.61 0.52
CA TYR B 278 -0.38 13.77 -0.67
C TYR B 278 -1.49 14.75 -0.38
N ALA B 279 -1.12 16.01 -0.21
CA ALA B 279 -2.04 17.06 0.21
C ALA B 279 -3.00 17.52 -0.86
N ARG B 280 -2.49 17.67 -2.08
CA ARG B 280 -3.29 18.13 -3.17
C ARG B 280 -2.67 17.60 -4.43
N PRO B 281 -3.48 17.50 -5.47
CA PRO B 281 -2.92 17.15 -6.77
C PRO B 281 -2.00 18.23 -7.33
N ALA B 282 -0.95 17.81 -8.03
CA ALA B 282 -0.05 18.77 -8.64
C ALA B 282 -0.75 19.51 -9.79
N GLY B 283 -1.68 18.84 -10.47
CA GLY B 283 -2.38 19.47 -11.57
C GLY B 283 -3.85 19.08 -11.54
N SER B 284 -4.60 19.62 -12.48
CA SER B 284 -6.02 19.31 -12.59
C SER B 284 -6.32 18.31 -13.70
N HIS B 285 -7.43 17.61 -13.55
CA HIS B 285 -7.99 16.77 -14.60
C HIS B 285 -9.47 17.05 -14.74
N GLU B 286 -10.05 16.50 -15.81
CA GLU B 286 -11.45 16.64 -16.10
C GLU B 286 -12.06 15.25 -16.21
N TRP B 287 -11.38 14.28 -15.58
CA TRP B 287 -11.79 12.90 -15.69
C TRP B 287 -13.15 12.65 -15.00
N GLY B 288 -13.31 13.29 -13.84
CA GLY B 288 -14.44 13.01 -12.97
C GLY B 288 -14.26 11.80 -12.09
N ALA B 289 -14.09 10.65 -12.72
CA ALA B 289 -13.76 9.40 -12.05
C ALA B 289 -13.01 8.55 -13.08
N LEU B 290 -12.45 7.44 -12.62
CA LEU B 290 -11.88 6.45 -13.50
C LEU B 290 -12.61 5.16 -13.24
N SER B 291 -12.81 4.33 -14.26
CA SER B 291 -13.59 3.14 -14.04
C SER B 291 -13.35 2.07 -15.05
N ASP B 292 -13.55 0.84 -14.60
CA ASP B 292 -13.70 -0.29 -15.49
C ASP B 292 -14.99 -0.94 -15.07
N ALA B 293 -16.10 -0.47 -15.67
CA ALA B 293 -17.42 -0.86 -15.23
C ALA B 293 -17.68 -2.34 -15.49
N ASP B 294 -17.12 -2.89 -16.56
CA ASP B 294 -17.31 -4.32 -16.83
C ASP B 294 -16.69 -5.17 -15.74
N LEU B 295 -15.54 -4.75 -15.23
CA LEU B 295 -14.86 -5.44 -14.15
C LEU B 295 -15.53 -5.19 -12.78
N GLY B 296 -16.05 -3.97 -12.60
CA GLY B 296 -16.74 -3.58 -11.38
C GLY B 296 -15.94 -2.73 -10.40
N ILE B 297 -14.92 -2.07 -10.91
N ILE B 297 -14.89 -2.09 -10.92
CA ILE B 297 -14.06 -1.26 -10.06
CA ILE B 297 -13.99 -1.25 -10.13
C ILE B 297 -14.04 0.19 -10.56
C ILE B 297 -14.10 0.21 -10.57
N TYR B 298 -14.20 1.11 -9.60
CA TYR B 298 -14.32 2.53 -9.84
C TYR B 298 -13.33 3.26 -8.92
N VAL B 299 -12.81 4.38 -9.43
CA VAL B 299 -11.78 5.16 -8.72
C VAL B 299 -12.19 6.61 -8.70
N CYS B 300 -12.09 7.26 -7.54
CA CYS B 300 -12.46 8.67 -7.43
C CYS B 300 -11.59 9.39 -6.41
N GLY B 301 -11.67 10.71 -6.43
CA GLY B 301 -10.90 11.54 -5.55
C GLY B 301 -10.77 12.94 -6.11
N ASP B 302 -10.29 13.87 -5.28
CA ASP B 302 -10.14 15.26 -5.72
C ASP B 302 -9.24 15.34 -6.96
N TRP B 303 -8.29 14.43 -7.06
CA TRP B 303 -7.30 14.43 -8.15
C TRP B 303 -7.89 14.00 -9.51
N CYS B 304 -9.12 13.54 -9.51
CA CYS B 304 -9.86 13.28 -10.76
C CYS B 304 -10.42 14.55 -11.37
N LEU B 305 -10.45 15.62 -10.58
CA LEU B 305 -10.93 16.91 -11.02
C LEU B 305 -9.95 18.00 -10.58
N SER B 306 -10.43 18.90 -9.74
CA SER B 306 -9.79 20.17 -9.47
C SER B 306 -8.86 20.20 -8.26
N GLY B 307 -8.83 19.12 -7.47
CA GLY B 307 -7.98 19.09 -6.28
C GLY B 307 -8.41 19.85 -5.03
N ARG B 308 -9.71 20.07 -4.94
CA ARG B 308 -10.37 20.81 -3.84
C ARG B 308 -11.50 19.99 -3.24
N VAL B 309 -12.04 20.41 -2.09
CA VAL B 309 -13.20 19.72 -1.52
C VAL B 309 -14.32 19.54 -2.58
N GLU B 310 -14.61 20.59 -3.32
CA GLU B 310 -15.64 20.52 -4.37
C GLU B 310 -15.34 19.42 -5.39
N GLY B 311 -14.08 19.34 -5.78
CA GLY B 311 -13.65 18.36 -6.74
C GLY B 311 -13.80 16.94 -6.23
N ALA B 312 -13.43 16.72 -4.97
CA ALA B 312 -13.61 15.41 -4.34
C ALA B 312 -15.08 15.05 -4.32
N TRP B 313 -15.92 15.98 -3.92
CA TRP B 313 -17.36 15.67 -3.83
C TRP B 313 -17.92 15.34 -5.20
N LEU B 314 -17.56 16.14 -6.21
CA LEU B 314 -18.08 15.89 -7.55
C LEU B 314 -17.58 14.54 -8.08
N SER B 315 -16.35 14.19 -7.75
CA SER B 315 -15.73 12.95 -8.24
C SER B 315 -16.48 11.75 -7.67
N GLY B 316 -16.81 11.81 -6.37
CA GLY B 316 -17.58 10.73 -5.79
C GLY B 316 -18.94 10.60 -6.44
N GLN B 317 -19.60 11.72 -6.72
CA GLN B 317 -20.89 11.68 -7.41
C GLN B 317 -20.76 10.99 -8.75
N GLU B 318 -19.68 11.28 -9.46
CA GLU B 318 -19.49 10.71 -10.78
C GLU B 318 -19.20 9.22 -10.72
N ALA B 319 -18.39 8.77 -9.76
CA ALA B 319 -18.14 7.33 -9.62
C ALA B 319 -19.44 6.58 -9.37
N ALA B 320 -20.24 7.10 -8.46
CA ALA B 320 -21.53 6.49 -8.19
C ALA B 320 -22.44 6.51 -9.42
N ARG B 321 -22.46 7.63 -10.12
CA ARG B 321 -23.34 7.73 -11.27
C ARG B 321 -22.99 6.64 -12.30
N ARG B 322 -21.69 6.44 -12.55
CA ARG B 322 -21.26 5.44 -13.52
C ARG B 322 -21.65 4.04 -13.11
N LEU B 323 -21.49 3.76 -11.83
CA LEU B 323 -21.85 2.44 -11.32
C LEU B 323 -23.35 2.23 -11.48
N LEU B 324 -24.14 3.21 -11.06
CA LEU B 324 -25.60 3.08 -11.15
C LEU B 324 -26.06 2.96 -12.60
N GLU B 325 -25.40 3.69 -13.51
CA GLU B 325 -25.77 3.61 -14.93
C GLU B 325 -25.51 2.20 -15.46
N HIS B 326 -24.38 1.61 -15.05
CA HIS B 326 -24.01 0.27 -15.50
C HIS B 326 -24.99 -0.76 -15.02
N LEU B 327 -25.46 -0.58 -13.79
CA LEU B 327 -26.46 -1.50 -13.25
C LEU B 327 -27.74 -1.36 -14.05
N GLN B 328 -28.17 -0.11 -14.24
CA GLN B 328 -29.44 0.15 -14.92
C GLN B 328 -29.39 -0.46 -16.32
N LEU B 329 -28.22 -0.42 -16.93
CA LEU B 329 -28.09 -0.92 -18.29
C LEU B 329 -28.03 -2.44 -18.35
N GLU B 330 -27.46 -3.07 -17.33
CA GLU B 330 -27.25 -4.51 -17.36
C GLU B 330 -28.57 -5.25 -17.47
#